data_7YPN
#
_entry.id   7YPN
#
_cell.length_a   63.734
_cell.length_b   78.879
_cell.length_c   86.497
_cell.angle_alpha   90.000
_cell.angle_beta   100.540
_cell.angle_gamma   90.000
#
_symmetry.space_group_name_H-M   'P 1 21 1'
#
loop_
_entity.id
_entity.type
_entity.pdbx_description
1 polymer 'Aspartate aminotransferase family protein'
2 non-polymer "PYRIDOXAL-5'-PHOSPHATE"
3 non-polymer 1,2-ETHANEDIOL
4 non-polymer DI(HYDROXYETHYL)ETHER
5 water water
#
_entity_poly.entity_id   1
_entity_poly.type   'polypeptide(L)'
_entity_poly.pdbx_seq_one_letter_code
;MHHHHHHMTAPLRNHDIAELKRLDLAHHLPAFADHKVIAEQGGSRIITRAEGVYIHDGEGHQILDGWAGLFCVNVGYGRE
ELAKAAYDQMLELPYYNTFFKTATPPPIELAAKIAQKMGGHLSHVFYNSSGSEANDTVFRLVRHFWKLKGEPSRTVFISR
WNAYHGSTVAGVSLGGMKHMHKQGDLPIAGVEHVMQPYQFGDGFGEDPAAFRDRAVQAIEDKILEVGPENVAAFIGEPVQ
GAGGVIIPPDGYWPAVEALCRKYGILLVCDEVACGFGRLGQWFGHQHYGIKPDLIAMAKGLSSGYLPISAVGVADHIVAE
LREKGGDFIHGFTYSGHPTAAAVALKNIEIMEREGLVERTRDETGPYLAQALASLNDHPLVGEVRSLGLIGAVEIVREKG
TNHRFLDKEGEAGPIVRDLCIKNGLMVRAIRDSIVCCPPLIITKAQIDELVGIIRKSLDEAEPVLRALKPKEGED
;
_entity_poly.pdbx_strand_id   B,D
#
loop_
_chem_comp.id
_chem_comp.type
_chem_comp.name
_chem_comp.formula
EDO non-polymer 1,2-ETHANEDIOL 'C2 H6 O2'
PEG non-polymer DI(HYDROXYETHYL)ETHER 'C4 H10 O3'
PLP non-polymer PYRIDOXAL-5'-PHOSPHATE 'C8 H10 N O6 P'
#
# COMPACT_ATOMS: atom_id res chain seq x y z
N HIS A 15 4.46 29.15 -8.15
CA HIS A 15 3.17 28.51 -7.90
C HIS A 15 2.05 29.54 -7.75
N ASP A 16 0.91 29.26 -8.39
CA ASP A 16 -0.30 30.05 -8.22
C ASP A 16 -1.06 29.43 -7.06
N ILE A 17 -0.95 30.04 -5.88
CA ILE A 17 -1.52 29.44 -4.67
C ILE A 17 -3.04 29.41 -4.75
N ALA A 18 -3.65 30.50 -5.20
CA ALA A 18 -5.11 30.54 -5.32
C ALA A 18 -5.62 29.47 -6.28
N GLU A 19 -4.91 29.25 -7.39
CA GLU A 19 -5.31 28.20 -8.33
C GLU A 19 -5.11 26.81 -7.73
N LEU A 20 -3.99 26.58 -7.05
CA LEU A 20 -3.76 25.28 -6.43
C LEU A 20 -4.83 24.98 -5.39
N LYS A 21 -5.27 26.00 -4.65
CA LYS A 21 -6.35 25.80 -3.68
C LYS A 21 -7.67 25.47 -4.37
N ARG A 22 -7.99 26.17 -5.46
CA ARG A 22 -9.19 25.85 -6.22
C ARG A 22 -9.11 24.42 -6.78
N LEU A 23 -7.98 24.08 -7.41
CA LEU A 23 -7.80 22.75 -7.95
C LEU A 23 -7.87 21.68 -6.87
N ASP A 24 -7.34 22.00 -5.69
CA ASP A 24 -7.42 21.07 -4.55
C ASP A 24 -8.87 20.70 -4.26
N LEU A 25 -9.74 21.71 -4.12
CA LEU A 25 -11.15 21.44 -3.83
C LEU A 25 -11.84 20.72 -4.97
N ALA A 26 -11.51 21.06 -6.21
CA ALA A 26 -12.20 20.52 -7.36
C ALA A 26 -11.80 19.09 -7.71
N HIS A 27 -10.63 18.64 -7.27
CA HIS A 27 -10.10 17.36 -7.77
C HIS A 27 -9.39 16.50 -6.73
N HIS A 28 -9.08 17.01 -5.54
CA HIS A 28 -8.26 16.28 -4.59
C HIS A 28 -9.07 15.97 -3.33
N LEU A 29 -9.01 14.70 -2.89
CA LEU A 29 -9.60 14.28 -1.62
C LEU A 29 -8.48 13.96 -0.63
N PRO A 30 -8.16 14.86 0.28
CA PRO A 30 -7.06 14.61 1.23
C PRO A 30 -7.39 13.48 2.19
N ALA A 31 -6.33 12.97 2.82
CA ALA A 31 -6.46 11.91 3.80
C ALA A 31 -6.85 12.47 5.17
N PHE A 32 -7.57 11.65 5.94
CA PHE A 32 -7.96 11.96 7.32
C PHE A 32 -8.52 13.37 7.44
N ALA A 33 -9.48 13.68 6.58
CA ALA A 33 -9.96 15.05 6.45
C ALA A 33 -11.48 15.11 6.47
N ASP A 34 -12.01 16.17 7.07
CA ASP A 34 -13.39 16.59 6.89
C ASP A 34 -13.42 17.51 5.68
N HIS A 35 -13.96 17.01 4.56
CA HIS A 35 -13.90 17.77 3.31
C HIS A 35 -14.86 18.95 3.31
N LYS A 36 -15.90 18.91 4.14
CA LYS A 36 -16.70 20.12 4.38
C LYS A 36 -15.84 21.20 5.03
N VAL A 37 -15.02 20.81 6.00
CA VAL A 37 -14.12 21.77 6.66
C VAL A 37 -13.08 22.29 5.66
N ILE A 38 -12.53 21.40 4.83
CA ILE A 38 -11.56 21.81 3.83
C ILE A 38 -12.17 22.83 2.89
N ALA A 39 -13.39 22.55 2.40
CA ALA A 39 -14.06 23.48 1.51
C ALA A 39 -14.32 24.82 2.20
N GLU A 40 -14.73 24.80 3.47
CA GLU A 40 -15.08 26.03 4.17
C GLU A 40 -13.88 26.95 4.35
N GLN A 41 -12.67 26.40 4.43
CA GLN A 41 -11.46 27.21 4.52
C GLN A 41 -10.88 27.55 3.14
N GLY A 42 -11.58 27.20 2.07
CA GLY A 42 -11.13 27.54 0.73
C GLY A 42 -10.02 26.68 0.18
N GLY A 43 -9.94 25.41 0.59
CA GLY A 43 -8.93 24.50 0.09
C GLY A 43 -7.85 24.23 1.12
N SER A 44 -7.05 23.21 0.83
CA SER A 44 -5.97 22.81 1.72
C SER A 44 -4.91 23.89 1.79
N ARG A 45 -4.20 23.91 2.92
CA ARG A 45 -3.04 24.77 3.05
C ARG A 45 -1.88 24.20 2.24
N ILE A 46 -1.30 25.02 1.37
CA ILE A 46 -0.33 24.55 0.40
C ILE A 46 1.06 24.65 1.02
N ILE A 47 1.75 23.52 1.11
CA ILE A 47 3.17 23.47 1.50
C ILE A 47 4.00 23.36 0.23
N THR A 48 4.96 24.27 0.08
CA THR A 48 5.68 24.42 -1.18
C THR A 48 7.13 23.94 -1.12
N ARG A 49 7.83 24.15 -0.01
CA ARG A 49 9.22 23.73 0.07
C ARG A 49 9.57 23.45 1.53
N ALA A 50 10.74 22.85 1.73
CA ALA A 50 11.20 22.50 3.06
C ALA A 50 12.72 22.41 3.06
N GLU A 51 13.31 22.68 4.22
CA GLU A 51 14.77 22.66 4.35
C GLU A 51 15.11 22.38 5.80
N GLY A 52 15.96 21.38 6.03
CA GLY A 52 16.31 21.01 7.38
C GLY A 52 15.13 20.51 8.19
N VAL A 53 14.67 21.33 9.14
CA VAL A 53 13.53 20.98 9.99
C VAL A 53 12.36 21.94 9.79
N TYR A 54 12.42 22.82 8.80
CA TYR A 54 11.43 23.87 8.60
C TYR A 54 10.59 23.63 7.36
N ILE A 55 9.33 24.02 7.43
CA ILE A 55 8.38 23.92 6.33
C ILE A 55 7.96 25.33 5.92
N HIS A 56 7.66 25.50 4.63
CA HIS A 56 7.22 26.78 4.09
C HIS A 56 5.92 26.56 3.33
N ASP A 57 4.94 27.42 3.57
CA ASP A 57 3.62 27.28 2.99
C ASP A 57 3.42 28.30 1.86
N GLY A 58 2.18 28.37 1.36
CA GLY A 58 1.90 29.21 0.21
C GLY A 58 2.06 30.70 0.47
N GLU A 59 1.76 31.14 1.69
CA GLU A 59 1.85 32.55 2.04
C GLU A 59 3.19 32.92 2.67
N GLY A 60 4.21 32.06 2.54
CA GLY A 60 5.55 32.40 2.97
C GLY A 60 5.89 32.05 4.40
N HIS A 61 4.94 31.50 5.16
CA HIS A 61 5.17 31.24 6.58
C HIS A 61 6.17 30.11 6.77
N GLN A 62 7.19 30.36 7.60
CA GLN A 62 8.13 29.32 8.01
C GLN A 62 7.58 28.62 9.25
N ILE A 63 7.50 27.30 9.18
CA ILE A 63 6.95 26.48 10.26
C ILE A 63 7.99 25.45 10.67
N LEU A 64 8.33 25.44 11.96
CA LEU A 64 9.13 24.35 12.52
C LEU A 64 8.29 23.07 12.50
N ASP A 65 8.72 22.08 11.73
CA ASP A 65 7.97 20.83 11.58
C ASP A 65 8.27 19.95 12.79
N GLY A 66 7.47 20.12 13.84
CA GLY A 66 7.59 19.29 15.03
C GLY A 66 7.08 17.88 14.88
N TRP A 67 6.60 17.49 13.70
CA TRP A 67 6.11 16.14 13.45
C TRP A 67 6.88 15.42 12.35
N ALA A 68 7.93 16.02 11.80
CA ALA A 68 8.77 15.42 10.76
C ALA A 68 7.91 14.81 9.65
N GLY A 69 7.12 15.68 9.01
CA GLY A 69 6.18 15.23 8.00
C GLY A 69 5.00 14.50 8.62
N LEU A 70 5.15 13.17 8.76
CA LEU A 70 4.18 12.34 9.46
C LEU A 70 4.95 11.22 10.15
N PHE A 71 5.65 11.57 11.24
CA PHE A 71 6.50 10.64 11.99
C PHE A 71 7.60 10.01 11.13
N CYS A 72 8.00 10.65 10.03
CA CYS A 72 8.81 9.89 9.07
C CYS A 72 10.10 10.56 8.64
N VAL A 73 10.11 11.89 8.47
CA VAL A 73 11.29 12.54 7.90
C VAL A 73 12.38 12.65 8.95
N ASN A 74 13.10 11.54 9.17
CA ASN A 74 14.04 11.45 10.29
C ASN A 74 15.36 12.13 10.00
N VAL A 75 15.88 12.00 8.76
CA VAL A 75 17.13 12.67 8.40
C VAL A 75 16.92 14.12 8.03
N GLY A 76 15.70 14.63 8.11
CA GLY A 76 15.42 16.01 7.79
C GLY A 76 15.22 16.23 6.30
N TYR A 77 14.77 17.44 5.98
CA TYR A 77 14.53 17.83 4.60
C TYR A 77 15.79 18.37 3.96
N GLY A 78 15.82 18.35 2.63
CA GLY A 78 16.92 18.93 1.88
C GLY A 78 18.06 18.00 1.58
N ARG A 79 17.83 16.69 1.55
CA ARG A 79 18.89 15.71 1.32
C ARG A 79 19.08 15.54 -0.19
N GLU A 80 19.97 16.37 -0.76
CA GLU A 80 20.35 16.19 -2.16
C GLU A 80 20.93 14.80 -2.40
N GLU A 81 21.64 14.25 -1.40
CA GLU A 81 22.21 12.91 -1.51
C GLU A 81 21.13 11.87 -1.80
N LEU A 82 19.94 12.04 -1.22
CA LEU A 82 18.86 11.09 -1.45
C LEU A 82 18.23 11.28 -2.82
N ALA A 83 18.06 12.54 -3.25
CA ALA A 83 17.58 12.80 -4.61
C ALA A 83 18.52 12.20 -5.65
N LYS A 84 19.82 12.27 -5.42
CA LYS A 84 20.79 11.69 -6.34
C LYS A 84 20.66 10.18 -6.42
N ALA A 85 20.47 9.52 -5.27
CA ALA A 85 20.33 8.07 -5.26
C ALA A 85 19.13 7.62 -6.07
N ALA A 86 18.03 8.37 -6.01
CA ALA A 86 16.85 8.04 -6.81
C ALA A 86 17.14 8.22 -8.29
N TYR A 87 17.78 9.34 -8.66
CA TYR A 87 18.09 9.61 -10.06
C TYR A 87 18.94 8.52 -10.68
N ASP A 88 20.00 8.11 -9.98
CA ASP A 88 20.93 7.12 -10.54
C ASP A 88 20.24 5.78 -10.78
N GLN A 89 19.41 5.34 -9.82
CA GLN A 89 18.76 4.05 -9.98
C GLN A 89 17.69 4.08 -11.06
N MET A 90 16.97 5.20 -11.18
CA MET A 90 15.94 5.31 -12.22
C MET A 90 16.55 5.28 -13.62
N LEU A 91 17.78 5.78 -13.78
CA LEU A 91 18.46 5.68 -15.06
C LEU A 91 18.85 4.24 -15.37
N GLU A 92 19.39 3.53 -14.37
CA GLU A 92 19.91 2.19 -14.60
C GLU A 92 18.79 1.15 -14.70
N LEU A 93 17.86 1.17 -13.75
CA LEU A 93 16.76 0.22 -13.72
C LEU A 93 15.63 0.77 -12.86
N PRO A 94 14.64 1.44 -13.46
CA PRO A 94 13.61 2.09 -12.64
C PRO A 94 12.67 1.11 -11.96
N TYR A 95 12.33 0.00 -12.61
CA TYR A 95 11.42 -0.97 -12.01
C TYR A 95 11.65 -2.36 -12.61
N TYR A 96 11.57 -3.37 -11.74
CA TYR A 96 11.21 -4.72 -12.16
C TYR A 96 10.62 -5.44 -10.97
N ASN A 97 9.89 -6.52 -11.25
CA ASN A 97 9.12 -7.22 -10.24
C ASN A 97 9.96 -8.30 -9.57
N THR A 98 9.48 -8.74 -8.40
CA THR A 98 10.03 -9.88 -7.69
C THR A 98 9.08 -11.08 -7.74
N PHE A 99 8.24 -11.14 -8.78
CA PHE A 99 7.22 -12.17 -8.92
C PHE A 99 7.72 -13.40 -9.65
N PHE A 100 8.60 -13.22 -10.64
CA PHE A 100 8.95 -14.27 -11.61
C PHE A 100 10.25 -14.97 -11.25
N LYS A 101 10.42 -15.35 -9.98
CA LYS A 101 11.70 -15.85 -9.47
C LYS A 101 12.83 -14.86 -9.76
N THR A 102 12.48 -13.58 -9.80
CA THR A 102 13.41 -12.52 -10.16
C THR A 102 13.59 -11.56 -8.99
N ALA A 103 14.68 -10.81 -9.05
CA ALA A 103 14.94 -9.74 -8.09
C ALA A 103 15.90 -8.74 -8.74
N THR A 104 16.07 -7.62 -8.07
CA THR A 104 16.99 -6.57 -8.50
C THR A 104 17.95 -6.24 -7.37
N PRO A 105 19.10 -5.65 -7.68
CA PRO A 105 20.13 -5.43 -6.64
C PRO A 105 19.64 -4.61 -5.45
N PRO A 106 18.99 -3.47 -5.65
CA PRO A 106 18.72 -2.55 -4.51
C PRO A 106 17.94 -3.22 -3.39
N PRO A 107 16.81 -3.91 -3.65
CA PRO A 107 16.10 -4.55 -2.53
C PRO A 107 16.89 -5.66 -1.87
N ILE A 108 17.80 -6.31 -2.60
CA ILE A 108 18.60 -7.38 -2.01
C ILE A 108 19.63 -6.80 -1.05
N GLU A 109 20.34 -5.75 -1.48
CA GLU A 109 21.31 -5.11 -0.60
C GLU A 109 20.62 -4.41 0.57
N LEU A 110 19.44 -3.83 0.34
CA LEU A 110 18.69 -3.23 1.43
C LEU A 110 18.22 -4.28 2.42
N ALA A 111 17.87 -5.47 1.93
CA ALA A 111 17.42 -6.54 2.82
C ALA A 111 18.51 -6.93 3.80
N ALA A 112 19.75 -7.05 3.34
CA ALA A 112 20.86 -7.39 4.23
C ALA A 112 21.12 -6.28 5.23
N LYS A 113 20.95 -5.03 4.81
CA LYS A 113 21.15 -3.90 5.73
C LYS A 113 20.08 -3.88 6.81
N ILE A 114 18.81 -4.05 6.42
CA ILE A 114 17.73 -4.08 7.40
C ILE A 114 17.90 -5.23 8.38
N ALA A 115 18.27 -6.40 7.86
CA ALA A 115 18.49 -7.56 8.72
C ALA A 115 19.60 -7.30 9.75
N GLN A 116 20.63 -6.55 9.35
CA GLN A 116 21.67 -6.18 10.30
C GLN A 116 21.12 -5.31 11.43
N LYS A 117 20.21 -4.39 11.10
CA LYS A 117 19.65 -3.51 12.11
C LYS A 117 18.59 -4.19 12.95
N MET A 118 17.91 -5.20 12.40
CA MET A 118 16.88 -5.88 13.17
C MET A 118 17.48 -6.77 14.25
N GLY A 119 18.56 -7.49 13.91
CA GLY A 119 19.19 -8.37 14.87
C GLY A 119 18.29 -9.53 15.27
N GLY A 120 18.75 -10.27 16.28
CA GLY A 120 18.03 -11.45 16.74
C GLY A 120 17.82 -12.44 15.62
N HIS A 121 16.64 -13.07 15.63
CA HIS A 121 16.28 -14.03 14.59
C HIS A 121 15.58 -13.38 13.40
N LEU A 122 15.46 -12.05 13.39
CA LEU A 122 14.87 -11.32 12.27
C LEU A 122 15.88 -11.25 11.14
N SER A 123 15.82 -12.24 10.25
CA SER A 123 16.81 -12.38 9.18
C SER A 123 16.31 -11.97 7.80
N HIS A 124 15.01 -12.01 7.55
CA HIS A 124 14.46 -11.77 6.23
C HIS A 124 13.46 -10.63 6.27
N VAL A 125 13.24 -10.00 5.11
CA VAL A 125 12.26 -8.94 4.95
C VAL A 125 11.37 -9.23 3.76
N PHE A 126 10.08 -8.91 3.89
CA PHE A 126 9.14 -8.90 2.78
C PHE A 126 8.74 -7.46 2.52
N TYR A 127 8.80 -7.03 1.27
CA TYR A 127 8.66 -5.62 0.92
C TYR A 127 7.23 -5.27 0.54
N ASN A 128 6.82 -4.07 0.92
CA ASN A 128 5.56 -3.46 0.46
C ASN A 128 5.86 -1.98 0.25
N SER A 129 4.80 -1.16 0.18
CA SER A 129 4.95 0.28 0.02
C SER A 129 4.63 1.06 1.28
N SER A 130 3.52 0.74 1.96
CA SER A 130 3.10 1.48 3.14
C SER A 130 3.13 0.60 4.38
N GLY A 131 3.14 1.26 5.53
CA GLY A 131 3.02 0.55 6.79
C GLY A 131 1.73 -0.24 6.92
N SER A 132 0.65 0.28 6.32
CA SER A 132 -0.63 -0.44 6.34
C SER A 132 -0.51 -1.79 5.62
N GLU A 133 0.10 -1.79 4.44
CA GLU A 133 0.32 -3.03 3.71
C GLU A 133 1.17 -4.00 4.52
N ALA A 134 2.21 -3.49 5.20
CA ALA A 134 3.06 -4.35 6.01
C ALA A 134 2.24 -5.15 7.02
N ASN A 135 1.21 -4.52 7.59
CA ASN A 135 0.35 -5.24 8.53
C ASN A 135 -0.61 -6.20 7.82
N ASP A 136 -1.00 -5.88 6.58
CA ASP A 136 -1.67 -6.89 5.76
C ASP A 136 -0.76 -8.08 5.51
N THR A 137 0.53 -7.82 5.28
CA THR A 137 1.48 -8.91 5.08
C THR A 137 1.65 -9.71 6.37
N VAL A 138 1.73 -9.02 7.51
CA VAL A 138 1.74 -9.72 8.79
C VAL A 138 0.51 -10.60 8.94
N PHE A 139 -0.66 -10.06 8.61
CA PHE A 139 -1.91 -10.79 8.79
C PHE A 139 -1.92 -12.10 8.01
N ARG A 140 -1.58 -12.03 6.71
CA ARG A 140 -1.67 -13.22 5.87
C ARG A 140 -0.52 -14.19 6.13
N LEU A 141 0.69 -13.67 6.39
CA LEU A 141 1.83 -14.54 6.62
C LEU A 141 1.69 -15.31 7.93
N VAL A 142 1.25 -14.63 8.99
CA VAL A 142 1.08 -15.30 10.29
C VAL A 142 0.11 -16.46 10.17
N ARG A 143 -1.03 -16.22 9.51
CA ARG A 143 -2.01 -17.28 9.36
C ARG A 143 -1.50 -18.41 8.47
N HIS A 144 -0.79 -18.07 7.38
CA HIS A 144 -0.21 -19.09 6.52
C HIS A 144 0.86 -19.88 7.26
N PHE A 145 1.69 -19.20 8.06
CA PHE A 145 2.71 -19.88 8.85
C PHE A 145 2.10 -20.98 9.72
N TRP A 146 1.02 -20.65 10.44
CA TRP A 146 0.39 -21.63 11.32
C TRP A 146 -0.23 -22.77 10.54
N LYS A 147 -0.63 -22.54 9.29
CA LYS A 147 -1.09 -23.64 8.45
C LYS A 147 0.06 -24.58 8.09
N LEU A 148 1.22 -24.02 7.74
CA LEU A 148 2.38 -24.84 7.44
C LEU A 148 2.86 -25.59 8.68
N LYS A 149 2.71 -24.99 9.87
CA LYS A 149 3.12 -25.64 11.11
C LYS A 149 2.17 -26.75 11.53
N GLY A 150 1.05 -26.93 10.84
CA GLY A 150 0.07 -27.92 11.26
C GLY A 150 -0.78 -27.51 12.43
N GLU A 151 -0.94 -26.21 12.64
CA GLU A 151 -1.81 -25.67 13.69
C GLU A 151 -2.79 -24.69 13.06
N PRO A 152 -3.72 -25.17 12.23
CA PRO A 152 -4.58 -24.26 11.48
C PRO A 152 -5.59 -23.52 12.34
N SER A 153 -5.81 -23.95 13.59
CA SER A 153 -6.76 -23.25 14.45
C SER A 153 -6.22 -21.91 14.93
N ARG A 154 -4.91 -21.69 14.85
CA ARG A 154 -4.30 -20.44 15.31
C ARG A 154 -4.54 -19.37 14.24
N THR A 155 -5.61 -18.59 14.43
CA THR A 155 -6.00 -17.57 13.47
C THR A 155 -6.26 -16.21 14.09
N VAL A 156 -6.46 -16.10 15.39
CA VAL A 156 -6.95 -14.87 16.01
C VAL A 156 -5.79 -13.97 16.38
N PHE A 157 -5.94 -12.68 16.08
CA PHE A 157 -4.98 -11.66 16.46
C PHE A 157 -5.52 -10.88 17.65
N ILE A 158 -4.65 -10.59 18.60
CA ILE A 158 -5.00 -9.82 19.79
C ILE A 158 -4.26 -8.49 19.74
N SER A 159 -5.01 -7.39 19.80
CA SER A 159 -4.44 -6.06 19.78
C SER A 159 -4.99 -5.30 20.99
N ARG A 160 -4.95 -3.96 20.91
CA ARG A 160 -5.33 -3.12 22.04
C ARG A 160 -6.14 -1.94 21.54
N TRP A 161 -7.05 -1.47 22.39
CA TRP A 161 -7.75 -0.21 22.11
C TRP A 161 -6.74 0.93 22.00
N ASN A 162 -7.03 1.87 21.10
CA ASN A 162 -6.20 3.04 20.82
C ASN A 162 -4.90 2.68 20.12
N ALA A 163 -4.72 1.43 19.71
CA ALA A 163 -3.61 1.09 18.85
C ALA A 163 -3.86 1.59 17.44
N TYR A 164 -2.77 1.90 16.73
CA TYR A 164 -2.84 2.25 15.32
C TYR A 164 -1.95 1.30 14.53
N HIS A 165 -2.54 0.64 13.52
CA HIS A 165 -1.80 -0.30 12.68
C HIS A 165 -2.09 -0.10 11.20
N GLY A 166 -2.51 1.10 10.80
CA GLY A 166 -2.66 1.46 9.41
C GLY A 166 -4.09 1.78 9.05
N SER A 167 -4.31 1.93 7.74
CA SER A 167 -5.59 2.39 7.22
C SER A 167 -6.20 1.46 6.19
N THR A 168 -5.54 0.35 5.86
CA THR A 168 -6.21 -0.70 5.09
C THR A 168 -7.30 -1.35 5.95
N VAL A 169 -8.12 -2.17 5.30
CA VAL A 169 -9.17 -2.89 6.01
C VAL A 169 -8.56 -3.71 7.15
N ALA A 170 -7.47 -4.42 6.88
CA ALA A 170 -6.78 -5.16 7.93
C ALA A 170 -6.11 -4.22 8.92
N GLY A 171 -5.50 -3.14 8.41
CA GLY A 171 -4.84 -2.20 9.31
C GLY A 171 -5.80 -1.53 10.28
N VAL A 172 -6.98 -1.14 9.80
CA VAL A 172 -7.98 -0.58 10.69
C VAL A 172 -8.46 -1.63 11.68
N SER A 173 -8.65 -2.88 11.21
CA SER A 173 -9.11 -3.94 12.09
C SER A 173 -8.11 -4.22 13.20
N LEU A 174 -6.82 -4.28 12.86
CA LEU A 174 -5.80 -4.52 13.88
C LEU A 174 -5.68 -3.33 14.82
N GLY A 175 -5.81 -2.11 14.30
CA GLY A 175 -5.85 -0.94 15.15
C GLY A 175 -7.05 -0.93 16.07
N GLY A 176 -7.00 -0.03 17.05
CA GLY A 176 -8.04 0.04 18.05
C GLY A 176 -8.77 1.37 18.10
N MET A 177 -8.84 2.07 16.97
CA MET A 177 -9.54 3.35 16.88
C MET A 177 -11.01 3.06 16.58
N LYS A 178 -11.86 3.18 17.61
CA LYS A 178 -13.27 2.80 17.47
C LYS A 178 -13.97 3.65 16.40
N HIS A 179 -13.66 4.94 16.34
CA HIS A 179 -14.27 5.78 15.31
C HIS A 179 -13.80 5.39 13.92
N MET A 180 -12.55 4.94 13.79
CA MET A 180 -12.05 4.44 12.52
C MET A 180 -12.70 3.11 12.16
N HIS A 181 -12.94 2.26 13.17
CA HIS A 181 -13.63 0.99 12.94
C HIS A 181 -14.99 1.18 12.27
N LYS A 182 -15.72 2.23 12.68
CA LYS A 182 -17.07 2.44 12.19
C LYS A 182 -17.11 2.56 10.67
N GLN A 183 -16.14 3.26 10.08
CA GLN A 183 -16.14 3.50 8.65
C GLN A 183 -15.57 2.27 7.94
N GLY A 184 -16.44 1.51 7.29
CA GLY A 184 -16.11 0.20 6.76
C GLY A 184 -16.72 -0.95 7.52
N ASP A 185 -17.42 -0.69 8.62
CA ASP A 185 -18.02 -1.72 9.47
C ASP A 185 -16.98 -2.76 9.88
N LEU A 186 -15.94 -2.25 10.51
CA LEU A 186 -14.79 -3.00 10.97
C LEU A 186 -14.77 -3.07 12.50
N PRO A 187 -13.94 -3.96 13.09
CA PRO A 187 -12.93 -4.87 12.53
C PRO A 187 -13.49 -6.12 11.87
N ILE A 188 -12.70 -6.72 10.98
CA ILE A 188 -13.00 -8.02 10.41
C ILE A 188 -12.92 -9.08 11.50
N ALA A 189 -13.39 -10.29 11.20
CA ALA A 189 -13.38 -11.36 12.19
C ALA A 189 -11.95 -11.80 12.49
N GLY A 190 -11.77 -12.36 13.69
CA GLY A 190 -10.47 -12.85 14.11
C GLY A 190 -9.54 -11.82 14.70
N VAL A 191 -10.07 -10.71 15.20
CA VAL A 191 -9.26 -9.67 15.85
C VAL A 191 -9.93 -9.29 17.16
N GLU A 192 -9.16 -9.31 18.25
CA GLU A 192 -9.64 -8.93 19.57
C GLU A 192 -8.81 -7.77 20.09
N HIS A 193 -9.46 -6.93 20.92
CA HIS A 193 -8.81 -5.76 21.47
C HIS A 193 -9.01 -5.71 22.98
N VAL A 194 -7.95 -5.35 23.71
CA VAL A 194 -7.96 -5.24 25.16
C VAL A 194 -7.45 -3.86 25.55
N MET A 195 -7.47 -3.59 26.86
CA MET A 195 -7.07 -2.28 27.36
C MET A 195 -5.63 -1.94 26.99
N GLN A 196 -5.39 -0.64 26.77
CA GLN A 196 -4.07 -0.06 26.52
C GLN A 196 -3.41 0.36 27.83
N PRO A 197 -2.07 0.25 27.91
CA PRO A 197 -1.36 0.64 29.14
C PRO A 197 -1.14 2.15 29.23
N TYR A 198 -2.24 2.88 29.36
CA TYR A 198 -2.25 4.34 29.38
C TYR A 198 -2.39 4.77 30.84
N GLN A 199 -1.25 5.06 31.49
CA GLN A 199 -1.26 5.36 32.91
C GLN A 199 -2.02 6.65 33.21
N PHE A 200 -1.73 7.72 32.48
CA PHE A 200 -2.30 9.02 32.83
C PHE A 200 -3.81 9.04 32.66
N GLY A 201 -4.31 8.43 31.59
CA GLY A 201 -5.74 8.45 31.34
C GLY A 201 -6.56 7.41 32.10
N ASP A 202 -6.04 6.18 32.17
CA ASP A 202 -6.82 5.06 32.67
C ASP A 202 -6.30 4.48 33.98
N GLY A 203 -5.11 4.88 34.43
CA GLY A 203 -4.58 4.38 35.69
C GLY A 203 -4.05 5.49 36.56
N PHE A 204 -4.64 6.68 36.45
CA PHE A 204 -4.19 7.83 37.22
C PHE A 204 -4.42 7.59 38.70
N GLY A 205 -3.35 7.67 39.49
CA GLY A 205 -3.41 7.39 40.91
C GLY A 205 -3.14 5.95 41.28
N GLU A 206 -2.98 5.07 40.30
CA GLU A 206 -2.64 3.68 40.54
C GLU A 206 -1.13 3.52 40.62
N ASP A 207 -0.69 2.55 41.43
CA ASP A 207 0.72 2.17 41.42
C ASP A 207 1.09 1.66 40.02
N PRO A 208 2.19 2.15 39.43
CA PRO A 208 2.52 1.73 38.06
C PRO A 208 2.67 0.22 37.91
N ALA A 209 3.29 -0.45 38.88
CA ALA A 209 3.45 -1.90 38.78
C ALA A 209 2.10 -2.62 38.84
N ALA A 210 1.14 -2.09 39.59
CA ALA A 210 -0.17 -2.73 39.67
C ALA A 210 -1.02 -2.43 38.44
N PHE A 211 -0.90 -1.23 37.89
CA PHE A 211 -1.59 -0.91 36.64
C PHE A 211 -1.04 -1.74 35.50
N ARG A 212 0.29 -1.87 35.42
CA ARG A 212 0.92 -2.72 34.43
C ARG A 212 0.37 -4.14 34.48
N ASP A 213 0.32 -4.73 35.68
CA ASP A 213 -0.18 -6.10 35.82
C ASP A 213 -1.62 -6.23 35.33
N ARG A 214 -2.46 -5.22 35.60
CA ARG A 214 -3.83 -5.23 35.10
C ARG A 214 -3.85 -5.25 33.58
N ALA A 215 -3.00 -4.44 32.94
CA ALA A 215 -2.98 -4.37 31.48
C ALA A 215 -2.44 -5.65 30.87
N VAL A 216 -1.46 -6.28 31.52
CA VAL A 216 -0.95 -7.56 31.03
C VAL A 216 -1.98 -8.66 31.24
N GLN A 217 -2.66 -8.65 32.40
CA GLN A 217 -3.67 -9.66 32.68
C GLN A 217 -4.81 -9.60 31.68
N ALA A 218 -5.16 -8.42 31.19
CA ALA A 218 -6.21 -8.30 30.19
C ALA A 218 -5.86 -9.05 28.92
N ILE A 219 -4.58 -9.10 28.56
CA ILE A 219 -4.16 -9.89 27.40
C ILE A 219 -4.35 -11.38 27.68
N GLU A 220 -3.88 -11.84 28.85
CA GLU A 220 -4.02 -13.25 29.20
C GLU A 220 -5.49 -13.66 29.27
N ASP A 221 -6.33 -12.82 29.88
CA ASP A 221 -7.77 -13.12 29.92
C ASP A 221 -8.34 -13.30 28.52
N LYS A 222 -7.94 -12.43 27.59
CA LYS A 222 -8.41 -12.55 26.21
C LYS A 222 -7.89 -13.83 25.56
N ILE A 223 -6.62 -14.18 25.81
CA ILE A 223 -6.05 -15.42 25.28
C ILE A 223 -6.88 -16.61 25.75
N LEU A 224 -7.19 -16.65 27.05
CA LEU A 224 -7.97 -17.77 27.59
C LEU A 224 -9.40 -17.76 27.08
N GLU A 225 -9.99 -16.58 26.87
CA GLU A 225 -11.34 -16.49 26.33
C GLU A 225 -11.39 -17.02 24.90
N VAL A 226 -10.50 -16.51 24.04
CA VAL A 226 -10.42 -17.00 22.66
C VAL A 226 -10.06 -18.48 22.63
N GLY A 227 -9.27 -18.94 23.60
CA GLY A 227 -8.70 -20.26 23.55
C GLY A 227 -7.27 -20.21 23.02
N PRO A 228 -6.31 -20.56 23.87
CA PRO A 228 -4.89 -20.44 23.47
C PRO A 228 -4.57 -21.13 22.14
N GLU A 229 -5.18 -22.28 21.87
CA GLU A 229 -4.96 -22.98 20.62
C GLU A 229 -5.54 -22.26 19.42
N ASN A 230 -6.36 -21.22 19.63
CA ASN A 230 -6.94 -20.45 18.54
C ASN A 230 -6.28 -19.11 18.31
N VAL A 231 -5.29 -18.74 19.12
CA VAL A 231 -4.65 -17.44 19.01
C VAL A 231 -3.43 -17.56 18.11
N ALA A 232 -3.34 -16.66 17.13
CA ALA A 232 -2.23 -16.65 16.19
C ALA A 232 -1.07 -15.79 16.66
N ALA A 233 -1.36 -14.57 17.12
CA ALA A 233 -0.30 -13.64 17.49
C ALA A 233 -0.88 -12.49 18.29
N PHE A 234 -0.01 -11.84 19.07
CA PHE A 234 -0.28 -10.55 19.67
C PHE A 234 0.52 -9.48 18.91
N ILE A 235 -0.12 -8.35 18.66
CA ILE A 235 0.49 -7.25 17.92
C ILE A 235 0.37 -5.98 18.74
N GLY A 236 1.43 -5.18 18.74
CA GLY A 236 1.39 -3.91 19.44
C GLY A 236 2.53 -2.99 19.07
N GLU A 237 2.29 -1.68 19.13
CA GLU A 237 3.35 -0.71 18.99
C GLU A 237 4.16 -0.67 20.28
N PRO A 238 5.51 -0.66 20.20
CA PRO A 238 6.31 -0.46 21.42
C PRO A 238 5.87 0.78 22.19
N VAL A 239 5.77 1.91 21.50
CA VAL A 239 5.11 3.11 22.00
C VAL A 239 3.99 3.46 21.04
N GLN A 240 2.78 3.62 21.57
CA GLN A 240 1.63 3.93 20.73
C GLN A 240 1.74 5.36 20.22
N GLY A 241 2.06 5.52 18.94
CA GLY A 241 2.32 6.82 18.37
C GLY A 241 1.07 7.63 18.11
N ALA A 242 0.28 7.21 17.12
CA ALA A 242 -0.94 7.92 16.78
C ALA A 242 -1.93 7.98 17.93
N GLY A 243 -1.84 7.06 18.88
CA GLY A 243 -2.73 7.08 20.03
C GLY A 243 -2.41 8.15 21.05
N GLY A 244 -1.31 8.87 20.90
CA GLY A 244 -0.99 9.95 21.81
C GLY A 244 0.27 9.74 22.61
N VAL A 245 1.25 9.04 22.04
CA VAL A 245 2.53 8.72 22.69
C VAL A 245 2.25 8.02 24.01
N ILE A 246 1.66 6.83 23.92
CA ILE A 246 1.34 6.03 25.10
C ILE A 246 2.59 5.19 25.41
N ILE A 247 3.35 5.62 26.42
CA ILE A 247 4.56 4.91 26.83
C ILE A 247 4.17 3.93 27.93
N PRO A 248 4.36 2.63 27.73
CA PRO A 248 3.89 1.65 28.71
C PRO A 248 4.72 1.71 29.99
N PRO A 249 4.17 1.25 31.11
CA PRO A 249 4.94 1.23 32.35
C PRO A 249 6.13 0.29 32.26
N ASP A 250 7.11 0.52 33.13
CA ASP A 250 8.28 -0.34 33.20
C ASP A 250 7.87 -1.78 33.49
N GLY A 251 8.46 -2.72 32.75
CA GLY A 251 8.15 -4.13 32.91
C GLY A 251 6.99 -4.64 32.10
N TYR A 252 6.27 -3.75 31.39
CA TYR A 252 5.11 -4.17 30.61
C TYR A 252 5.52 -5.12 29.49
N TRP A 253 6.43 -4.69 28.63
CA TRP A 253 6.80 -5.45 27.43
C TRP A 253 7.47 -6.78 27.77
N PRO A 254 8.40 -6.85 28.74
CA PRO A 254 8.91 -8.17 29.14
C PRO A 254 7.81 -9.12 29.59
N ALA A 255 6.79 -8.60 30.30
CA ALA A 255 5.68 -9.45 30.73
C ALA A 255 4.83 -9.90 29.55
N VAL A 256 4.66 -9.03 28.56
CA VAL A 256 3.88 -9.40 27.38
C VAL A 256 4.61 -10.49 26.58
N GLU A 257 5.93 -10.35 26.42
CA GLU A 257 6.71 -11.37 25.74
C GLU A 257 6.59 -12.72 26.42
N ALA A 258 6.73 -12.73 27.76
CA ALA A 258 6.55 -13.96 28.51
C ALA A 258 5.17 -14.57 28.30
N LEU A 259 4.14 -13.71 28.25
CA LEU A 259 2.79 -14.19 27.94
C LEU A 259 2.75 -14.90 26.59
N CYS A 260 3.33 -14.28 25.57
CA CYS A 260 3.36 -14.88 24.23
C CYS A 260 4.06 -16.22 24.24
N ARG A 261 5.23 -16.29 24.88
CA ARG A 261 5.96 -17.56 24.94
C ARG A 261 5.22 -18.59 25.77
N LYS A 262 4.49 -18.16 26.80
CA LYS A 262 3.74 -19.09 27.63
C LYS A 262 2.72 -19.87 26.82
N TYR A 263 1.99 -19.20 25.94
CA TYR A 263 0.92 -19.82 25.17
C TYR A 263 1.35 -20.14 23.74
N GLY A 264 2.62 -19.96 23.41
CA GLY A 264 3.12 -20.34 22.11
C GLY A 264 2.58 -19.54 20.95
N ILE A 265 2.23 -18.27 21.17
CA ILE A 265 1.73 -17.41 20.11
C ILE A 265 2.85 -16.48 19.67
N LEU A 266 2.74 -15.98 18.44
CA LEU A 266 3.75 -15.10 17.90
C LEU A 266 3.63 -13.69 18.47
N LEU A 267 4.76 -13.01 18.58
CA LEU A 267 4.81 -11.62 19.03
C LEU A 267 5.16 -10.73 17.84
N VAL A 268 4.28 -9.77 17.55
CA VAL A 268 4.47 -8.84 16.45
C VAL A 268 4.55 -7.43 17.03
N CYS A 269 5.59 -6.70 16.67
CA CYS A 269 5.76 -5.31 17.06
C CYS A 269 5.64 -4.42 15.84
N ASP A 270 4.73 -3.44 15.90
CA ASP A 270 4.53 -2.49 14.81
C ASP A 270 5.56 -1.37 14.99
N GLU A 271 6.60 -1.38 14.16
CA GLU A 271 7.72 -0.45 14.26
C GLU A 271 7.64 0.67 13.24
N VAL A 272 6.47 0.90 12.64
CA VAL A 272 6.37 1.88 11.56
C VAL A 272 6.71 3.28 12.07
N ALA A 273 6.28 3.61 13.27
CA ALA A 273 6.59 4.91 13.86
C ALA A 273 7.81 4.87 14.76
N CYS A 274 7.94 3.83 15.60
CA CYS A 274 9.03 3.74 16.54
C CYS A 274 10.36 3.37 15.89
N GLY A 275 10.34 2.90 14.65
CA GLY A 275 11.56 2.40 14.04
C GLY A 275 12.50 3.50 13.59
N PHE A 276 13.75 3.09 13.37
CA PHE A 276 14.78 3.91 12.74
C PHE A 276 15.07 5.19 13.54
N GLY A 277 15.42 5.00 14.81
CA GLY A 277 16.00 6.05 15.63
C GLY A 277 15.03 6.81 16.51
N ARG A 278 13.72 6.61 16.34
CA ARG A 278 12.75 7.45 17.03
C ARG A 278 12.87 7.32 18.55
N LEU A 279 13.06 6.10 19.04
CA LEU A 279 13.16 5.86 20.48
C LEU A 279 14.61 5.70 20.96
N GLY A 280 15.57 6.09 20.15
CA GLY A 280 16.98 5.89 20.48
C GLY A 280 17.53 4.55 20.10
N GLN A 281 16.77 3.74 19.37
CA GLN A 281 17.21 2.45 18.85
C GLN A 281 16.80 2.34 17.40
N TRP A 282 17.41 1.37 16.69
CA TRP A 282 17.00 1.12 15.32
C TRP A 282 15.55 0.63 15.26
N PHE A 283 15.08 -0.03 16.31
CA PHE A 283 13.68 -0.46 16.41
C PHE A 283 13.24 -0.36 17.85
N GLY A 284 11.99 0.04 18.05
CA GLY A 284 11.49 0.30 19.40
C GLY A 284 11.61 -0.90 20.32
N HIS A 285 11.37 -2.11 19.79
CA HIS A 285 11.41 -3.30 20.63
C HIS A 285 12.78 -3.56 21.20
N GLN A 286 13.84 -3.06 20.56
CA GLN A 286 15.19 -3.27 21.09
C GLN A 286 15.42 -2.47 22.37
N HIS A 287 14.75 -1.32 22.52
CA HIS A 287 14.83 -0.58 23.78
C HIS A 287 14.28 -1.40 24.95
N TYR A 288 13.30 -2.26 24.69
CA TYR A 288 12.68 -3.06 25.73
C TYR A 288 13.25 -4.46 25.82
N GLY A 289 14.20 -4.82 24.96
CA GLY A 289 14.86 -6.10 25.04
C GLY A 289 13.99 -7.29 24.72
N ILE A 290 12.93 -7.12 23.94
CA ILE A 290 12.06 -8.21 23.55
C ILE A 290 12.45 -8.67 22.16
N LYS A 291 11.99 -9.88 21.81
CA LYS A 291 12.38 -10.56 20.57
C LYS A 291 11.12 -10.92 19.79
N PRO A 292 10.57 -9.99 19.02
CA PRO A 292 9.37 -10.29 18.25
C PRO A 292 9.66 -11.24 17.10
N ASP A 293 8.62 -11.97 16.69
CA ASP A 293 8.74 -12.88 15.55
C ASP A 293 8.55 -12.15 14.22
N LEU A 294 7.77 -11.07 14.21
CA LEU A 294 7.60 -10.24 13.03
C LEU A 294 7.54 -8.78 13.45
N ILE A 295 8.00 -7.89 12.58
CA ILE A 295 7.86 -6.46 12.76
C ILE A 295 7.43 -5.83 11.44
N ALA A 296 6.65 -4.77 11.55
CA ALA A 296 6.28 -3.94 10.41
C ALA A 296 7.04 -2.63 10.48
N MET A 297 7.53 -2.16 9.33
CA MET A 297 8.32 -0.95 9.29
C MET A 297 7.99 -0.13 8.05
N ALA A 298 8.11 1.19 8.18
CA ALA A 298 7.93 2.12 7.07
C ALA A 298 8.41 3.50 7.51
N LYS A 299 7.77 4.55 6.99
CA LYS A 299 8.03 5.93 7.41
C LYS A 299 9.51 6.26 7.41
N GLY A 300 10.17 6.13 8.57
CA GLY A 300 11.58 6.44 8.71
C GLY A 300 12.49 5.54 7.90
N LEU A 301 11.99 4.42 7.38
CA LEU A 301 12.78 3.53 6.54
C LEU A 301 13.47 4.29 5.41
N SER A 302 12.75 5.20 4.76
CA SER A 302 13.31 6.06 3.72
C SER A 302 13.22 7.53 4.09
N SER A 303 12.95 7.83 5.36
CA SER A 303 12.69 9.20 5.83
C SER A 303 11.59 9.86 5.01
N GLY A 304 10.64 9.07 4.51
CA GLY A 304 9.54 9.58 3.72
C GLY A 304 9.92 10.05 2.32
N TYR A 305 11.19 9.89 1.92
CA TYR A 305 11.62 10.40 0.62
C TYR A 305 11.01 9.62 -0.53
N LEU A 306 10.76 8.32 -0.34
CA LEU A 306 10.04 7.52 -1.33
C LEU A 306 9.21 6.48 -0.59
N PRO A 307 8.06 6.08 -1.15
CA PRO A 307 7.22 5.07 -0.50
C PRO A 307 7.88 3.70 -0.53
N ILE A 308 8.11 3.13 0.65
CA ILE A 308 8.59 1.77 0.78
C ILE A 308 8.33 1.29 2.20
N SER A 309 8.03 0.01 2.35
CA SER A 309 7.81 -0.59 3.66
C SER A 309 8.30 -2.03 3.62
N ALA A 310 8.40 -2.64 4.80
CA ALA A 310 8.91 -4.00 4.87
C ALA A 310 8.38 -4.67 6.13
N VAL A 311 8.34 -6.01 6.08
CA VAL A 311 8.02 -6.84 7.24
C VAL A 311 9.27 -7.65 7.58
N GLY A 312 9.80 -7.45 8.79
CA GLY A 312 10.86 -8.30 9.28
C GLY A 312 10.31 -9.64 9.71
N VAL A 313 10.94 -10.72 9.23
CA VAL A 313 10.43 -12.07 9.39
C VAL A 313 11.48 -12.91 10.10
N ALA A 314 11.07 -13.60 11.17
CA ALA A 314 11.98 -14.45 11.91
C ALA A 314 12.45 -15.62 11.06
N ASP A 315 13.64 -16.13 11.40
CA ASP A 315 14.22 -17.23 10.63
C ASP A 315 13.34 -18.48 10.69
N HIS A 316 12.71 -18.75 11.83
CA HIS A 316 11.90 -19.95 11.95
C HIS A 316 10.61 -19.84 11.14
N ILE A 317 10.13 -18.63 10.87
CA ILE A 317 9.05 -18.46 9.91
C ILE A 317 9.53 -18.80 8.50
N VAL A 318 10.72 -18.29 8.13
CA VAL A 318 11.28 -18.57 6.81
C VAL A 318 11.57 -20.05 6.65
N ALA A 319 11.94 -20.73 7.73
CA ALA A 319 12.23 -22.16 7.65
C ALA A 319 11.01 -22.95 7.19
N GLU A 320 9.81 -22.55 7.65
CA GLU A 320 8.59 -23.21 7.20
C GLU A 320 8.38 -23.00 5.71
N LEU A 321 8.58 -21.77 5.23
CA LEU A 321 8.42 -21.50 3.80
C LEU A 321 9.45 -22.26 2.97
N ARG A 322 10.69 -22.33 3.45
CA ARG A 322 11.75 -22.97 2.69
C ARG A 322 11.67 -24.49 2.71
N GLU A 323 11.18 -25.08 3.80
CA GLU A 323 11.17 -26.53 3.94
C GLU A 323 9.86 -27.16 3.47
N LYS A 324 8.73 -26.51 3.72
CA LYS A 324 7.45 -27.05 3.26
C LYS A 324 7.17 -26.71 1.81
N GLY A 325 7.75 -25.64 1.28
CA GLY A 325 7.46 -25.24 -0.08
C GLY A 325 6.06 -24.69 -0.23
N GLY A 326 5.60 -24.65 -1.48
CA GLY A 326 4.31 -24.07 -1.79
C GLY A 326 4.38 -22.57 -1.94
N ASP A 327 3.62 -22.03 -2.90
CA ASP A 327 3.58 -20.59 -3.10
C ASP A 327 3.04 -19.88 -1.87
N PHE A 328 3.67 -18.77 -1.49
CA PHE A 328 3.06 -17.78 -0.62
C PHE A 328 2.43 -16.75 -1.54
N ILE A 329 1.13 -16.92 -1.83
CA ILE A 329 0.46 -16.14 -2.85
C ILE A 329 0.17 -14.75 -2.30
N HIS A 330 1.21 -13.92 -2.22
CA HIS A 330 1.11 -12.61 -1.60
C HIS A 330 2.21 -11.72 -2.15
N GLY A 331 1.87 -10.48 -2.44
CA GLY A 331 2.86 -9.52 -2.90
C GLY A 331 2.22 -8.42 -3.72
N PHE A 332 2.96 -7.33 -3.87
CA PHE A 332 2.49 -6.13 -4.53
C PHE A 332 3.39 -5.80 -5.71
N THR A 333 2.82 -5.12 -6.71
CA THR A 333 3.57 -4.71 -7.89
C THR A 333 4.88 -4.03 -7.50
N TYR A 334 4.82 -3.13 -6.53
CA TYR A 334 5.97 -2.33 -6.12
C TYR A 334 6.70 -2.93 -4.93
N SER A 335 6.44 -4.19 -4.60
CA SER A 335 7.24 -4.90 -3.61
C SER A 335 8.69 -4.96 -4.06
N GLY A 336 9.58 -4.29 -3.33
CA GLY A 336 10.98 -4.29 -3.69
C GLY A 336 11.34 -3.33 -4.80
N HIS A 337 10.59 -2.24 -4.94
CA HIS A 337 10.83 -1.24 -5.97
C HIS A 337 12.29 -0.77 -5.91
N PRO A 338 13.06 -0.93 -6.99
CA PRO A 338 14.52 -0.70 -6.88
C PRO A 338 14.88 0.74 -6.55
N THR A 339 14.13 1.72 -7.08
CA THR A 339 14.44 3.10 -6.78
C THR A 339 14.11 3.44 -5.33
N ALA A 340 12.93 3.03 -4.86
CA ALA A 340 12.58 3.22 -3.46
C ALA A 340 13.54 2.48 -2.54
N ALA A 341 13.97 1.28 -2.96
CA ALA A 341 14.93 0.51 -2.15
C ALA A 341 16.28 1.20 -2.09
N ALA A 342 16.75 1.74 -3.22
CA ALA A 342 18.04 2.44 -3.23
C ALA A 342 18.02 3.66 -2.33
N VAL A 343 16.89 4.39 -2.30
CA VAL A 343 16.80 5.58 -1.45
C VAL A 343 16.77 5.18 0.02
N ALA A 344 16.05 4.11 0.35
CA ALA A 344 16.02 3.62 1.72
C ALA A 344 17.41 3.17 2.17
N LEU A 345 18.17 2.54 1.27
CA LEU A 345 19.52 2.13 1.59
C LEU A 345 20.41 3.33 1.90
N LYS A 346 20.38 4.34 1.01
CA LYS A 346 21.15 5.55 1.25
C LYS A 346 20.70 6.26 2.51
N ASN A 347 19.38 6.24 2.78
CA ASN A 347 18.86 6.87 3.99
C ASN A 347 19.45 6.23 5.24
N ILE A 348 19.51 4.89 5.28
CA ILE A 348 20.12 4.20 6.41
C ILE A 348 21.59 4.56 6.52
N GLU A 349 22.29 4.65 5.39
CA GLU A 349 23.72 4.97 5.40
C GLU A 349 23.95 6.38 5.93
N ILE A 350 23.05 7.32 5.61
CA ILE A 350 23.14 8.66 6.18
C ILE A 350 22.98 8.61 7.69
N MET A 351 22.00 7.83 8.16
CA MET A 351 21.78 7.67 9.60
C MET A 351 23.01 7.08 10.28
N GLU A 352 23.60 6.04 9.68
CA GLU A 352 24.83 5.45 10.23
C GLU A 352 25.96 6.48 10.26
N ARG A 353 26.19 7.16 9.13
CA ARG A 353 27.28 8.12 9.03
C ARG A 353 27.17 9.20 10.09
N GLU A 354 25.99 9.78 10.25
CA GLU A 354 25.78 10.89 11.19
C GLU A 354 25.42 10.41 12.58
N GLY A 355 25.30 9.11 12.79
CA GLY A 355 25.03 8.58 14.13
C GLY A 355 23.74 9.08 14.73
N LEU A 356 22.69 9.21 13.92
CA LEU A 356 21.44 9.81 14.40
C LEU A 356 20.73 8.91 15.41
N VAL A 357 20.93 7.59 15.32
CA VAL A 357 20.32 6.69 16.29
C VAL A 357 20.92 6.89 17.67
N GLU A 358 22.25 6.85 17.76
CA GLU A 358 22.93 7.08 19.03
C GLU A 358 22.68 8.50 19.54
N ARG A 359 22.65 9.48 18.63
CA ARG A 359 22.44 10.86 19.04
CA ARG A 359 22.44 10.86 19.04
C ARG A 359 21.09 11.03 19.73
N THR A 360 20.05 10.37 19.22
CA THR A 360 18.74 10.46 19.84
C THR A 360 18.74 9.86 21.24
N ARG A 361 19.42 8.71 21.41
CA ARG A 361 19.44 8.04 22.71
C ARG A 361 20.21 8.85 23.75
N ASP A 362 21.34 9.43 23.36
CA ASP A 362 22.28 10.01 24.31
C ASP A 362 22.23 11.52 24.39
N GLU A 363 21.85 12.20 23.30
CA GLU A 363 21.91 13.66 23.28
C GLU A 363 20.54 14.30 23.22
N THR A 364 19.90 14.24 22.06
CA THR A 364 18.67 15.01 21.85
C THR A 364 17.50 14.45 22.64
N GLY A 365 17.44 13.14 22.82
CA GLY A 365 16.40 12.51 23.60
C GLY A 365 16.34 13.03 25.03
N PRO A 366 17.42 12.84 25.79
CA PRO A 366 17.47 13.42 27.13
C PRO A 366 17.27 14.93 27.16
N TYR A 367 17.82 15.64 26.16
CA TYR A 367 17.62 17.09 26.12
C TYR A 367 16.16 17.43 25.90
N LEU A 368 15.48 16.70 25.03
CA LEU A 368 14.04 16.89 24.86
C LEU A 368 13.29 16.62 26.15
N ALA A 369 13.71 15.59 26.90
CA ALA A 369 13.05 15.27 28.16
C ALA A 369 13.20 16.39 29.18
N GLN A 370 14.41 16.97 29.30
CA GLN A 370 14.60 18.07 30.24
C GLN A 370 13.87 19.32 29.75
N ALA A 371 13.86 19.56 28.43
CA ALA A 371 13.18 20.74 27.90
C ALA A 371 11.67 20.65 28.11
N LEU A 372 11.08 19.48 27.82
CA LEU A 372 9.65 19.31 28.04
C LEU A 372 9.31 19.38 29.53
N ALA A 373 10.22 18.94 30.39
CA ALA A 373 9.96 18.96 31.83
C ALA A 373 9.83 20.37 32.38
N SER A 374 10.39 21.37 31.70
CA SER A 374 10.23 22.75 32.15
C SER A 374 8.79 23.23 32.00
N LEU A 375 7.99 22.56 31.19
CA LEU A 375 6.56 22.88 31.06
C LEU A 375 5.73 22.36 32.22
N ASN A 376 6.32 21.58 33.13
CA ASN A 376 5.54 20.95 34.19
C ASN A 376 4.88 21.96 35.11
N ASP A 377 5.48 23.15 35.27
CA ASP A 377 4.93 24.14 36.17
C ASP A 377 3.83 24.98 35.55
N HIS A 378 3.55 24.81 34.26
CA HIS A 378 2.51 25.61 33.63
C HIS A 378 1.14 25.19 34.17
N PRO A 379 0.24 26.16 34.43
CA PRO A 379 -1.05 25.80 35.02
C PRO A 379 -1.90 24.86 34.18
N LEU A 380 -1.64 24.76 32.88
CA LEU A 380 -2.44 23.91 32.00
C LEU A 380 -1.85 22.52 31.81
N VAL A 381 -0.64 22.27 32.28
CA VAL A 381 0.08 21.04 31.99
C VAL A 381 -0.15 20.05 33.13
N GLY A 382 -0.67 18.87 32.80
CA GLY A 382 -0.89 17.82 33.77
C GLY A 382 0.27 16.85 33.88
N GLU A 383 0.94 16.61 32.75
CA GLU A 383 2.03 15.65 32.69
C GLU A 383 2.76 15.81 31.36
N VAL A 384 4.08 15.69 31.40
CA VAL A 384 4.89 15.58 30.20
C VAL A 384 5.62 14.24 30.24
N ARG A 385 5.82 13.66 29.05
CA ARG A 385 6.50 12.37 28.94
C ARG A 385 7.17 12.30 27.57
N SER A 386 8.27 11.57 27.51
CA SER A 386 9.01 11.45 26.26
C SER A 386 9.97 10.27 26.34
N LEU A 387 10.35 9.77 25.17
CA LEU A 387 11.37 8.74 25.05
C LEU A 387 12.02 8.92 23.68
N GLY A 388 13.33 9.10 23.66
CA GLY A 388 13.96 9.54 22.43
C GLY A 388 13.40 10.87 21.98
N LEU A 389 13.09 10.98 20.69
CA LEU A 389 12.57 12.21 20.11
C LEU A 389 11.08 12.10 19.79
N ILE A 390 10.31 11.47 20.67
CA ILE A 390 8.86 11.53 20.67
C ILE A 390 8.39 11.89 22.07
N GLY A 391 7.38 12.76 22.15
CA GLY A 391 6.95 13.24 23.44
C GLY A 391 5.51 13.74 23.39
N ALA A 392 4.92 13.89 24.57
CA ALA A 392 3.56 14.35 24.70
C ALA A 392 3.43 15.28 25.89
N VAL A 393 2.55 16.26 25.77
CA VAL A 393 2.23 17.19 26.85
C VAL A 393 0.72 17.11 27.10
N GLU A 394 0.34 16.71 28.31
CA GLU A 394 -1.07 16.58 28.65
C GLU A 394 -1.65 17.92 29.08
N ILE A 395 -2.84 18.22 28.58
CA ILE A 395 -3.56 19.45 28.93
C ILE A 395 -4.67 19.08 29.91
N VAL A 396 -4.67 19.74 31.08
CA VAL A 396 -5.67 19.49 32.10
C VAL A 396 -6.27 20.81 32.55
N ARG A 397 -7.49 20.73 33.08
CA ARG A 397 -8.15 21.89 33.67
C ARG A 397 -7.90 22.02 35.17
N GLU A 398 -7.30 21.00 35.80
CA GLU A 398 -7.07 21.00 37.23
C GLU A 398 -5.69 20.40 37.49
N LYS A 399 -4.77 21.22 38.01
CA LYS A 399 -3.42 20.77 38.29
C LYS A 399 -3.43 19.55 39.22
N GLY A 400 -2.55 18.60 38.92
CA GLY A 400 -2.44 17.40 39.73
C GLY A 400 -3.47 16.33 39.46
N THR A 401 -4.31 16.51 38.44
CA THR A 401 -5.32 15.53 38.05
C THR A 401 -5.16 15.21 36.56
N ASN A 402 -6.01 14.32 36.06
CA ASN A 402 -6.17 14.11 34.63
C ASN A 402 -7.47 14.69 34.11
N HIS A 403 -8.05 15.63 34.83
CA HIS A 403 -9.34 16.19 34.44
C HIS A 403 -9.19 17.08 33.22
N ARG A 404 -10.11 16.91 32.28
CA ARG A 404 -10.05 17.59 30.99
C ARG A 404 -11.08 18.71 30.94
N PHE A 405 -10.79 19.73 30.14
CA PHE A 405 -11.72 20.84 29.98
C PHE A 405 -13.05 20.36 29.43
N LEU A 406 -14.14 20.85 30.01
CA LEU A 406 -15.51 20.47 29.71
C LEU A 406 -15.78 18.99 29.96
N ASP A 407 -14.86 18.29 30.62
CA ASP A 407 -14.96 16.84 30.85
C ASP A 407 -15.24 16.10 29.54
N LYS A 408 -14.61 16.56 28.46
CA LYS A 408 -14.84 16.01 27.12
C LYS A 408 -13.53 16.14 26.35
N GLU A 409 -12.71 15.10 26.42
CA GLU A 409 -11.43 15.06 25.71
C GLU A 409 -11.58 15.49 24.26
N GLY A 410 -10.67 16.36 23.82
CA GLY A 410 -10.64 16.80 22.44
C GLY A 410 -11.10 18.23 22.21
N GLU A 411 -11.48 18.95 23.25
CA GLU A 411 -11.85 20.35 23.11
C GLU A 411 -10.63 21.27 23.26
N ALA A 412 -9.86 21.09 24.34
CA ALA A 412 -8.72 21.95 24.60
C ALA A 412 -7.59 21.70 23.60
N GLY A 413 -7.38 20.44 23.21
CA GLY A 413 -6.30 20.07 22.33
C GLY A 413 -6.18 20.89 21.07
N PRO A 414 -7.21 20.86 20.21
CA PRO A 414 -7.15 21.65 18.96
C PRO A 414 -6.91 23.13 19.20
N ILE A 415 -7.40 23.70 20.30
CA ILE A 415 -7.21 25.12 20.56
C ILE A 415 -5.74 25.44 20.78
N VAL A 416 -5.06 24.63 21.58
CA VAL A 416 -3.62 24.81 21.80
C VAL A 416 -2.85 24.51 20.52
N ARG A 417 -3.30 23.51 19.77
CA ARG A 417 -2.63 23.13 18.53
C ARG A 417 -2.63 24.29 17.53
N ASP A 418 -3.79 24.94 17.36
CA ASP A 418 -3.89 26.03 16.39
C ASP A 418 -3.02 27.21 16.78
N LEU A 419 -2.84 27.46 18.09
CA LEU A 419 -1.97 28.53 18.52
C LEU A 419 -0.50 28.19 18.26
N CYS A 420 -0.12 26.93 18.45
CA CYS A 420 1.23 26.49 18.11
C CYS A 420 1.50 26.71 16.62
N ILE A 421 0.55 26.31 15.77
CA ILE A 421 0.71 26.50 14.33
C ILE A 421 0.79 27.98 13.99
N LYS A 422 -0.07 28.79 14.61
CA LYS A 422 -0.02 30.23 14.39
C LYS A 422 1.34 30.80 14.81
N ASN A 423 1.94 30.24 15.85
CA ASN A 423 3.22 30.72 16.35
C ASN A 423 4.41 30.03 15.69
N GLY A 424 4.19 29.30 14.59
CA GLY A 424 5.28 28.76 13.80
C GLY A 424 5.76 27.38 14.18
N LEU A 425 4.92 26.56 14.81
CA LEU A 425 5.29 25.20 15.19
C LEU A 425 4.19 24.24 14.77
N MET A 426 4.53 23.27 13.92
CA MET A 426 3.59 22.22 13.52
C MET A 426 3.67 21.09 14.53
N VAL A 427 2.74 21.09 15.49
CA VAL A 427 2.50 19.95 16.35
C VAL A 427 1.01 19.65 16.29
N ARG A 428 0.66 18.41 16.64
CA ARG A 428 -0.72 17.96 16.55
C ARG A 428 -1.26 17.60 17.92
N ALA A 429 -2.58 17.72 18.07
CA ALA A 429 -3.26 17.34 19.29
C ALA A 429 -3.96 16.00 19.09
N ILE A 430 -3.60 15.02 19.88
CA ILE A 430 -4.31 13.75 19.96
C ILE A 430 -5.10 13.78 21.25
N ARG A 431 -6.43 13.89 21.13
CA ARG A 431 -7.31 14.18 22.27
C ARG A 431 -6.81 15.50 22.88
N ASP A 432 -6.54 15.57 24.18
CA ASP A 432 -5.96 16.75 24.79
C ASP A 432 -4.46 16.61 25.03
N SER A 433 -3.77 15.86 24.18
CA SER A 433 -2.33 15.63 24.28
C SER A 433 -1.64 16.28 23.09
N ILE A 434 -0.74 17.21 23.37
CA ILE A 434 0.08 17.82 22.33
C ILE A 434 1.29 16.93 22.09
N VAL A 435 1.43 16.42 20.87
CA VAL A 435 2.45 15.45 20.51
C VAL A 435 3.49 16.11 19.61
N CYS A 436 4.76 15.79 19.86
CA CYS A 436 5.85 16.26 19.03
C CYS A 436 6.68 15.05 18.59
N CYS A 437 7.27 15.17 17.41
CA CYS A 437 8.05 14.09 16.81
C CYS A 437 8.97 14.68 15.75
N PRO A 438 9.95 15.48 16.16
CA PRO A 438 10.73 16.26 15.18
C PRO A 438 11.73 15.37 14.45
N PRO A 439 12.32 15.86 13.37
CA PRO A 439 13.40 15.11 12.71
C PRO A 439 14.55 14.86 13.67
N LEU A 440 15.29 13.78 13.41
CA LEU A 440 16.39 13.41 14.29
C LEU A 440 17.58 14.37 14.20
N ILE A 441 17.61 15.24 13.19
CA ILE A 441 18.70 16.21 13.05
C ILE A 441 18.44 17.49 13.83
N ILE A 442 17.30 17.60 14.51
CA ILE A 442 16.99 18.82 15.26
C ILE A 442 18.10 19.12 16.25
N THR A 443 18.48 20.39 16.32
CA THR A 443 19.49 20.82 17.27
C THR A 443 18.87 21.10 18.63
N LYS A 444 19.73 21.24 19.64
CA LYS A 444 19.26 21.56 20.99
C LYS A 444 18.60 22.93 21.01
N ALA A 445 19.16 23.90 20.29
CA ALA A 445 18.55 25.22 20.21
C ALA A 445 17.16 25.15 19.59
N GLN A 446 16.99 24.33 18.56
CA GLN A 446 15.68 24.18 17.93
C GLN A 446 14.72 23.43 18.84
N ILE A 447 15.23 22.55 19.71
CA ILE A 447 14.38 21.93 20.72
C ILE A 447 13.86 22.98 21.70
N ASP A 448 14.73 23.91 22.11
CA ASP A 448 14.30 24.99 22.98
C ASP A 448 13.29 25.90 22.28
N GLU A 449 13.48 26.12 20.97
CA GLU A 449 12.50 26.89 20.21
C GLU A 449 11.15 26.18 20.19
N LEU A 450 11.16 24.87 19.96
CA LEU A 450 9.91 24.09 19.96
C LEU A 450 9.17 24.23 21.29
N VAL A 451 9.88 23.97 22.40
CA VAL A 451 9.25 24.06 23.71
C VAL A 451 8.81 25.48 24.00
N GLY A 452 9.60 26.47 23.57
CA GLY A 452 9.22 27.86 23.77
C GLY A 452 7.91 28.21 23.10
N ILE A 453 7.70 27.74 21.87
CA ILE A 453 6.46 28.04 21.17
C ILE A 453 5.28 27.36 21.86
N ILE A 454 5.47 26.13 22.35
CA ILE A 454 4.40 25.44 23.07
C ILE A 454 4.00 26.22 24.30
N ARG A 455 4.98 26.65 25.10
CA ARG A 455 4.68 27.44 26.29
C ARG A 455 4.00 28.75 25.93
N LYS A 456 4.52 29.43 24.91
CA LYS A 456 3.88 30.65 24.43
C LYS A 456 2.43 30.41 24.03
N SER A 457 2.17 29.29 23.36
CA SER A 457 0.81 28.96 22.94
C SER A 457 -0.07 28.57 24.14
N LEU A 458 0.51 27.91 25.14
CA LEU A 458 -0.26 27.57 26.34
C LEU A 458 -0.68 28.81 27.10
N ASP A 459 0.23 29.77 27.26
CA ASP A 459 -0.12 31.05 27.88
C ASP A 459 -1.30 31.70 27.18
N GLU A 460 -1.25 31.77 25.86
CA GLU A 460 -2.35 32.35 25.09
C GLU A 460 -3.62 31.51 25.21
N ALA A 461 -3.46 30.18 25.31
CA ALA A 461 -4.62 29.30 25.39
C ALA A 461 -5.32 29.34 26.74
N GLU A 462 -4.62 29.77 27.79
CA GLU A 462 -5.22 29.73 29.13
C GLU A 462 -6.51 30.55 29.22
N PRO A 463 -6.57 31.81 28.78
CA PRO A 463 -7.85 32.54 28.95
C PRO A 463 -9.00 31.97 28.13
N VAL A 464 -8.74 31.51 26.90
CA VAL A 464 -9.83 30.98 26.09
C VAL A 464 -10.31 29.65 26.64
N LEU A 465 -9.41 28.82 27.17
CA LEU A 465 -9.82 27.55 27.74
C LEU A 465 -10.63 27.74 29.02
N ARG A 466 -10.26 28.73 29.84
CA ARG A 466 -11.02 29.02 31.05
C ARG A 466 -12.42 29.53 30.74
N ALA A 467 -12.62 30.12 29.55
CA ALA A 467 -13.91 30.68 29.16
C ALA A 467 -14.85 29.66 28.55
N LEU A 468 -14.43 28.41 28.40
CA LEU A 468 -15.28 27.38 27.80
C LEU A 468 -16.55 27.16 28.61
N HIS B 15 28.02 -5.31 -10.43
CA HIS B 15 27.28 -6.15 -9.50
C HIS B 15 27.96 -7.51 -9.34
N ASP B 16 28.06 -7.97 -8.10
CA ASP B 16 28.52 -9.33 -7.81
C ASP B 16 27.28 -10.22 -7.80
N ILE B 17 27.05 -10.92 -8.92
CA ILE B 17 25.81 -11.67 -9.09
C ILE B 17 25.74 -12.83 -8.10
N ALA B 18 26.84 -13.57 -7.96
CA ALA B 18 26.87 -14.68 -7.02
C ALA B 18 26.62 -14.20 -5.59
N GLU B 19 27.18 -13.04 -5.24
CA GLU B 19 26.98 -12.49 -3.90
C GLU B 19 25.53 -12.05 -3.70
N LEU B 20 24.94 -11.39 -4.70
CA LEU B 20 23.53 -10.99 -4.61
C LEU B 20 22.62 -12.18 -4.46
N LYS B 21 22.94 -13.30 -5.12
CA LYS B 21 22.15 -14.51 -4.95
C LYS B 21 22.24 -15.03 -3.53
N ARG B 22 23.43 -14.98 -2.93
CA ARG B 22 23.59 -15.34 -1.53
C ARG B 22 22.75 -14.43 -0.64
N LEU B 23 22.86 -13.12 -0.84
CA LEU B 23 22.09 -12.18 -0.03
C LEU B 23 20.60 -12.34 -0.25
N ASP B 24 20.18 -12.62 -1.49
CA ASP B 24 18.77 -12.84 -1.78
C ASP B 24 18.21 -13.98 -0.92
N LEU B 25 18.87 -15.13 -0.93
CA LEU B 25 18.40 -16.27 -0.15
C LEU B 25 18.46 -15.99 1.35
N ALA B 26 19.50 -15.29 1.79
CA ALA B 26 19.70 -15.06 3.21
C ALA B 26 18.79 -14.00 3.80
N HIS B 27 18.25 -13.09 2.98
CA HIS B 27 17.57 -11.93 3.53
C HIS B 27 16.32 -11.48 2.79
N HIS B 28 16.01 -12.00 1.59
CA HIS B 28 14.92 -11.50 0.78
C HIS B 28 13.84 -12.55 0.62
N LEU B 29 12.58 -12.15 0.86
CA LEU B 29 11.42 -12.99 0.59
C LEU B 29 10.65 -12.43 -0.60
N PRO B 30 10.82 -12.97 -1.80
CA PRO B 30 10.14 -12.41 -2.97
C PRO B 30 8.63 -12.58 -2.91
N ALA B 31 7.94 -11.82 -3.74
CA ALA B 31 6.49 -11.89 -3.83
C ALA B 31 6.06 -13.04 -4.73
N PHE B 32 4.88 -13.59 -4.43
CA PHE B 32 4.24 -14.64 -5.23
C PHE B 32 5.23 -15.76 -5.58
N ALA B 33 5.92 -16.26 -4.56
CA ALA B 33 7.04 -17.16 -4.77
C ALA B 33 6.93 -18.39 -3.88
N ASP B 34 7.37 -19.52 -4.43
CA ASP B 34 7.68 -20.70 -3.64
C ASP B 34 9.14 -20.58 -3.22
N HIS B 35 9.39 -20.30 -1.95
CA HIS B 35 10.75 -20.02 -1.50
C HIS B 35 11.60 -21.28 -1.44
N LYS B 36 10.98 -22.46 -1.34
CA LYS B 36 11.72 -23.69 -1.54
C LYS B 36 12.26 -23.78 -2.96
N VAL B 37 11.45 -23.40 -3.95
CA VAL B 37 11.90 -23.40 -5.34
C VAL B 37 13.01 -22.38 -5.53
N ILE B 38 12.87 -21.20 -4.95
CA ILE B 38 13.91 -20.17 -5.06
C ILE B 38 15.22 -20.68 -4.46
N ALA B 39 15.14 -21.28 -3.27
CA ALA B 39 16.34 -21.81 -2.63
C ALA B 39 16.99 -22.89 -3.48
N GLU B 40 16.18 -23.79 -4.07
CA GLU B 40 16.74 -24.90 -4.82
C GLU B 40 17.46 -24.45 -6.09
N GLN B 41 17.07 -23.31 -6.66
CA GLN B 41 17.75 -22.76 -7.82
C GLN B 41 18.88 -21.81 -7.45
N GLY B 42 19.19 -21.68 -6.16
CA GLY B 42 20.30 -20.85 -5.73
C GLY B 42 20.04 -19.36 -5.72
N GLY B 43 18.80 -18.95 -5.48
CA GLY B 43 18.47 -17.54 -5.40
C GLY B 43 17.71 -17.07 -6.63
N SER B 44 17.15 -15.86 -6.49
CA SER B 44 16.39 -15.26 -7.57
C SER B 44 17.27 -14.91 -8.76
N ARG B 45 16.66 -14.87 -9.93
CA ARG B 45 17.35 -14.38 -11.12
C ARG B 45 17.48 -12.86 -11.04
N ILE B 46 18.71 -12.38 -11.20
CA ILE B 46 19.01 -10.97 -10.96
C ILE B 46 18.79 -10.18 -12.25
N ILE B 47 17.88 -9.20 -12.20
CA ILE B 47 17.70 -8.24 -13.28
C ILE B 47 18.42 -6.96 -12.89
N THR B 48 19.31 -6.50 -13.77
CA THR B 48 20.24 -5.41 -13.42
C THR B 48 19.95 -4.11 -14.15
N ARG B 49 19.53 -4.16 -15.42
CA ARG B 49 19.33 -2.95 -16.20
C ARG B 49 18.28 -3.20 -17.28
N ALA B 50 17.82 -2.11 -17.88
CA ALA B 50 16.77 -2.19 -18.89
C ALA B 50 16.82 -0.96 -19.77
N GLU B 51 16.35 -1.13 -21.01
CA GLU B 51 16.35 -0.06 -22.01
C GLU B 51 15.24 -0.33 -23.01
N GLY B 52 14.39 0.66 -23.23
CA GLY B 52 13.28 0.52 -24.15
C GLY B 52 12.30 -0.55 -23.71
N VAL B 53 12.31 -1.69 -24.41
CA VAL B 53 11.43 -2.82 -24.09
C VAL B 53 12.23 -4.05 -23.67
N TYR B 54 13.53 -3.91 -23.45
CA TYR B 54 14.40 -5.04 -23.19
C TYR B 54 14.89 -5.03 -21.73
N ILE B 55 15.05 -6.23 -21.18
CA ILE B 55 15.56 -6.46 -19.84
C ILE B 55 16.88 -7.21 -19.94
N HIS B 56 17.79 -6.94 -19.00
CA HIS B 56 19.09 -7.59 -18.96
C HIS B 56 19.30 -8.19 -17.58
N ASP B 57 19.76 -9.44 -17.54
CA ASP B 57 19.91 -10.16 -16.28
C ASP B 57 21.40 -10.24 -15.89
N GLY B 58 21.66 -10.99 -14.82
CA GLY B 58 23.01 -11.06 -14.29
C GLY B 58 24.00 -11.74 -15.22
N GLU B 59 23.54 -12.72 -15.98
CA GLU B 59 24.41 -13.47 -16.87
C GLU B 59 24.41 -12.91 -18.30
N GLY B 60 23.94 -11.68 -18.49
CA GLY B 60 24.05 -11.00 -19.75
C GLY B 60 22.92 -11.19 -20.73
N HIS B 61 21.90 -11.98 -20.38
CA HIS B 61 20.83 -12.28 -21.32
C HIS B 61 19.95 -11.04 -21.54
N GLN B 62 19.75 -10.68 -22.80
CA GLN B 62 18.78 -9.65 -23.17
C GLN B 62 17.42 -10.33 -23.38
N ILE B 63 16.40 -9.82 -22.71
CA ILE B 63 15.06 -10.38 -22.75
C ILE B 63 14.07 -9.31 -23.19
N LEU B 64 13.31 -9.60 -24.24
CA LEU B 64 12.18 -8.77 -24.61
C LEU B 64 11.12 -8.87 -23.52
N ASP B 65 10.85 -7.76 -22.83
CA ASP B 65 9.90 -7.76 -21.72
C ASP B 65 8.49 -7.67 -22.29
N GLY B 66 7.91 -8.83 -22.58
CA GLY B 66 6.54 -8.91 -23.05
C GLY B 66 5.48 -8.65 -22.01
N TRP B 67 5.87 -8.34 -20.78
CA TRP B 67 4.93 -8.05 -19.71
C TRP B 67 5.09 -6.64 -19.14
N ALA B 68 5.98 -5.83 -19.69
CA ALA B 68 6.21 -4.45 -19.25
C ALA B 68 6.37 -4.37 -17.74
N GLY B 69 7.37 -5.09 -17.23
CA GLY B 69 7.57 -5.20 -15.80
C GLY B 69 6.51 -6.06 -15.16
N LEU B 70 5.41 -5.45 -14.75
CA LEU B 70 4.24 -6.17 -14.25
C LEU B 70 3.00 -5.38 -14.67
N PHE B 71 2.68 -5.45 -15.96
CA PHE B 71 1.56 -4.74 -16.57
C PHE B 71 1.65 -3.22 -16.37
N CYS B 72 2.85 -2.68 -16.16
CA CYS B 72 2.91 -1.31 -15.67
C CYS B 72 3.81 -0.38 -16.46
N VAL B 73 4.94 -0.86 -16.97
CA VAL B 73 5.92 0.02 -17.60
C VAL B 73 5.44 0.39 -19.01
N ASN B 74 4.51 1.35 -19.07
CA ASN B 74 3.83 1.64 -20.33
C ASN B 74 4.67 2.52 -21.26
N VAL B 75 5.39 3.51 -20.72
CA VAL B 75 6.24 4.36 -21.55
C VAL B 75 7.58 3.72 -21.84
N GLY B 76 7.83 2.50 -21.38
CA GLY B 76 9.09 1.84 -21.63
C GLY B 76 10.17 2.23 -20.64
N TYR B 77 11.28 1.51 -20.72
CA TYR B 77 12.43 1.77 -19.84
C TYR B 77 13.35 2.81 -20.46
N GLY B 78 14.15 3.43 -19.60
CA GLY B 78 15.14 4.38 -20.04
C GLY B 78 14.68 5.81 -20.13
N ARG B 79 13.65 6.20 -19.38
CA ARG B 79 13.11 7.56 -19.42
C ARG B 79 13.92 8.43 -18.46
N GLU B 80 14.99 9.03 -18.97
CA GLU B 80 15.74 10.01 -18.18
C GLU B 80 14.84 11.17 -17.75
N GLU B 81 13.87 11.54 -18.59
CA GLU B 81 12.95 12.62 -18.26
C GLU B 81 12.22 12.34 -16.94
N LEU B 82 11.88 11.08 -16.68
CA LEU B 82 11.19 10.74 -15.44
C LEU B 82 12.14 10.76 -14.26
N ALA B 83 13.38 10.27 -14.44
CA ALA B 83 14.38 10.37 -13.39
C ALA B 83 14.65 11.83 -13.02
N LYS B 84 14.67 12.72 -14.02
CA LYS B 84 14.88 14.14 -13.76
C LYS B 84 13.72 14.73 -12.96
N ALA B 85 12.49 14.36 -13.31
CA ALA B 85 11.32 14.88 -12.59
C ALA B 85 11.35 14.48 -11.12
N ALA B 86 11.77 13.25 -10.83
CA ALA B 86 11.89 12.81 -9.44
C ALA B 86 12.99 13.58 -8.71
N TYR B 87 14.14 13.73 -9.35
CA TYR B 87 15.26 14.43 -8.73
C TYR B 87 14.89 15.87 -8.35
N ASP B 88 14.26 16.59 -9.27
CA ASP B 88 13.94 17.99 -9.02
C ASP B 88 12.96 18.14 -7.87
N GLN B 89 11.93 17.29 -7.81
CA GLN B 89 10.93 17.41 -6.76
C GLN B 89 11.51 17.02 -5.40
N MET B 90 12.39 16.01 -5.37
CA MET B 90 13.00 15.61 -4.10
C MET B 90 13.89 16.71 -3.54
N LEU B 91 14.49 17.52 -4.41
CA LEU B 91 15.27 18.66 -3.94
C LEU B 91 14.38 19.74 -3.34
N GLU B 92 13.27 20.05 -4.01
CA GLU B 92 12.43 21.16 -3.58
C GLU B 92 11.58 20.78 -2.37
N LEU B 93 10.90 19.63 -2.45
CA LEU B 93 10.03 19.17 -1.37
C LEU B 93 9.81 17.68 -1.51
N PRO B 94 10.61 16.86 -0.82
CA PRO B 94 10.49 15.40 -1.02
C PRO B 94 9.22 14.82 -0.44
N TYR B 95 8.72 15.33 0.68
CA TYR B 95 7.51 14.79 1.28
C TYR B 95 6.81 15.83 2.13
N TYR B 96 5.48 15.83 2.06
CA TYR B 96 4.64 16.31 3.15
C TYR B 96 3.28 15.63 3.05
N ASN B 97 2.56 15.64 4.16
CA ASN B 97 1.33 14.87 4.28
C ASN B 97 0.13 15.68 3.81
N THR B 98 -0.97 14.97 3.56
CA THR B 98 -2.27 15.57 3.28
C THR B 98 -3.23 15.33 4.44
N PHE B 99 -2.70 15.17 5.65
CA PHE B 99 -3.51 14.87 6.84
C PHE B 99 -3.96 16.13 7.56
N PHE B 100 -3.14 17.17 7.58
CA PHE B 100 -3.33 18.33 8.44
C PHE B 100 -3.99 19.48 7.71
N LYS B 101 -5.04 19.20 6.92
CA LYS B 101 -5.63 20.19 6.01
C LYS B 101 -4.57 20.78 5.09
N THR B 102 -3.56 19.98 4.76
CA THR B 102 -2.42 20.43 3.97
C THR B 102 -2.35 19.67 2.66
N ALA B 103 -1.63 20.26 1.71
CA ALA B 103 -1.36 19.60 0.44
C ALA B 103 -0.10 20.23 -0.16
N THR B 104 0.40 19.59 -1.21
CA THR B 104 1.55 20.06 -1.97
C THR B 104 1.16 20.16 -3.43
N PRO B 105 1.89 20.96 -4.21
CA PRO B 105 1.50 21.20 -5.62
C PRO B 105 1.37 19.92 -6.44
N PRO B 106 2.35 19.00 -6.43
CA PRO B 106 2.33 17.89 -7.41
C PRO B 106 1.06 17.05 -7.34
N PRO B 107 0.60 16.60 -6.16
CA PRO B 107 -0.64 15.82 -6.15
C PRO B 107 -1.85 16.61 -6.58
N ILE B 108 -1.86 17.93 -6.36
CA ILE B 108 -2.98 18.74 -6.80
C ILE B 108 -2.98 18.87 -8.32
N GLU B 109 -1.80 19.13 -8.90
CA GLU B 109 -1.71 19.22 -10.35
C GLU B 109 -1.96 17.86 -11.00
N LEU B 110 -1.51 16.78 -10.36
CA LEU B 110 -1.78 15.45 -10.87
C LEU B 110 -3.26 15.11 -10.77
N ALA B 111 -3.93 15.59 -9.71
CA ALA B 111 -5.35 15.32 -9.54
C ALA B 111 -6.17 15.92 -10.67
N ALA B 112 -5.85 17.16 -11.07
CA ALA B 112 -6.58 17.79 -12.16
C ALA B 112 -6.33 17.08 -13.49
N LYS B 113 -5.10 16.60 -13.71
CA LYS B 113 -4.79 15.90 -14.95
C LYS B 113 -5.51 14.56 -15.02
N ILE B 114 -5.49 13.80 -13.91
CA ILE B 114 -6.18 12.51 -13.90
C ILE B 114 -7.67 12.69 -14.11
N ALA B 115 -8.26 13.69 -13.45
CA ALA B 115 -9.69 13.95 -13.62
C ALA B 115 -10.02 14.31 -15.06
N GLN B 116 -9.12 15.03 -15.73
CA GLN B 116 -9.32 15.34 -17.13
C GLN B 116 -9.36 14.07 -17.98
N LYS B 117 -8.52 13.10 -17.65
CA LYS B 117 -8.48 11.85 -18.41
C LYS B 117 -9.61 10.91 -18.03
N MET B 118 -10.12 11.00 -16.81
CA MET B 118 -11.20 10.11 -16.38
C MET B 118 -12.51 10.49 -17.06
N GLY B 119 -12.79 11.79 -17.18
CA GLY B 119 -14.02 12.25 -17.80
C GLY B 119 -15.26 11.85 -17.01
N GLY B 120 -16.41 12.12 -17.64
CA GLY B 120 -17.68 11.87 -16.99
C GLY B 120 -17.80 12.62 -15.68
N HIS B 121 -18.42 11.98 -14.69
CA HIS B 121 -18.58 12.56 -13.36
C HIS B 121 -17.43 12.22 -12.42
N LEU B 122 -16.39 11.54 -12.92
CA LEU B 122 -15.20 11.22 -12.12
C LEU B 122 -14.34 12.46 -12.01
N SER B 123 -14.56 13.24 -10.94
CA SER B 123 -13.92 14.53 -10.78
C SER B 123 -12.80 14.56 -9.75
N HIS B 124 -12.80 13.65 -8.78
CA HIS B 124 -11.85 13.69 -7.68
C HIS B 124 -11.05 12.39 -7.61
N VAL B 125 -9.87 12.48 -6.98
CA VAL B 125 -9.01 11.32 -6.76
C VAL B 125 -8.61 11.27 -5.29
N PHE B 126 -8.54 10.07 -4.75
CA PHE B 126 -7.95 9.80 -3.43
C PHE B 126 -6.68 9.00 -3.64
N TYR B 127 -5.59 9.44 -3.03
CA TYR B 127 -4.27 8.88 -3.33
C TYR B 127 -3.88 7.77 -2.37
N ASN B 128 -3.20 6.77 -2.92
CA ASN B 128 -2.55 5.72 -2.13
C ASN B 128 -1.23 5.41 -2.84
N SER B 129 -0.64 4.26 -2.51
CA SER B 129 0.61 3.84 -3.15
C SER B 129 0.43 2.70 -4.14
N SER B 130 -0.32 1.66 -3.77
CA SER B 130 -0.48 0.49 -4.62
C SER B 130 -1.93 0.33 -5.06
N GLY B 131 -2.12 -0.46 -6.12
CA GLY B 131 -3.46 -0.81 -6.55
C GLY B 131 -4.24 -1.56 -5.48
N SER B 132 -3.55 -2.36 -4.67
CA SER B 132 -4.23 -3.08 -3.59
C SER B 132 -4.83 -2.11 -2.59
N GLU B 133 -4.07 -1.09 -2.19
CA GLU B 133 -4.59 -0.07 -1.29
C GLU B 133 -5.79 0.66 -1.90
N ALA B 134 -5.72 0.95 -3.20
CA ALA B 134 -6.81 1.64 -3.88
C ALA B 134 -8.13 0.90 -3.68
N ASN B 135 -8.10 -0.43 -3.70
CA ASN B 135 -9.31 -1.21 -3.48
C ASN B 135 -9.70 -1.24 -2.01
N ASP B 136 -8.74 -1.15 -1.10
CA ASP B 136 -9.07 -0.90 0.30
C ASP B 136 -9.77 0.45 0.46
N THR B 137 -9.32 1.46 -0.28
CA THR B 137 -9.98 2.77 -0.24
C THR B 137 -11.38 2.70 -0.83
N VAL B 138 -11.55 1.97 -1.94
CA VAL B 138 -12.88 1.74 -2.49
C VAL B 138 -13.77 1.08 -1.44
N PHE B 139 -13.26 0.05 -0.76
CA PHE B 139 -14.05 -0.70 0.19
C PHE B 139 -14.60 0.20 1.30
N ARG B 140 -13.73 1.00 1.92
CA ARG B 140 -14.15 1.82 3.04
C ARG B 140 -14.95 3.04 2.59
N LEU B 141 -14.58 3.65 1.46
CA LEU B 141 -15.31 4.83 0.99
C LEU B 141 -16.73 4.47 0.57
N VAL B 142 -16.90 3.35 -0.15
CA VAL B 142 -18.23 2.94 -0.58
C VAL B 142 -19.14 2.71 0.62
N ARG B 143 -18.63 2.01 1.63
CA ARG B 143 -19.46 1.74 2.81
C ARG B 143 -19.73 3.02 3.59
N HIS B 144 -18.74 3.90 3.71
CA HIS B 144 -18.96 5.18 4.38
C HIS B 144 -19.95 6.04 3.60
N PHE B 145 -19.85 6.04 2.27
CA PHE B 145 -20.78 6.78 1.44
C PHE B 145 -22.22 6.39 1.72
N TRP B 146 -22.50 5.08 1.75
CA TRP B 146 -23.87 4.63 1.98
C TRP B 146 -24.35 4.95 3.39
N LYS B 147 -23.44 5.08 4.36
CA LYS B 147 -23.85 5.54 5.68
C LYS B 147 -24.26 7.01 5.64
N LEU B 148 -23.49 7.85 4.95
CA LEU B 148 -23.86 9.25 4.80
C LEU B 148 -25.17 9.41 4.02
N LYS B 149 -25.42 8.51 3.06
CA LYS B 149 -26.65 8.56 2.28
C LYS B 149 -27.87 8.12 3.06
N GLY B 150 -27.69 7.61 4.27
CA GLY B 150 -28.82 7.09 5.03
C GLY B 150 -29.28 5.72 4.58
N GLU B 151 -28.39 4.93 3.98
CA GLU B 151 -28.68 3.56 3.58
C GLU B 151 -27.61 2.65 4.16
N PRO B 152 -27.58 2.49 5.49
CA PRO B 152 -26.48 1.74 6.12
C PRO B 152 -26.51 0.25 5.83
N SER B 153 -27.63 -0.29 5.34
CA SER B 153 -27.68 -1.71 5.03
C SER B 153 -26.86 -2.07 3.80
N ARG B 154 -26.54 -1.10 2.95
CA ARG B 154 -25.78 -1.35 1.72
C ARG B 154 -24.31 -1.52 2.08
N THR B 155 -23.90 -2.78 2.25
CA THR B 155 -22.53 -3.10 2.64
C THR B 155 -21.85 -4.15 1.78
N VAL B 156 -22.58 -4.93 1.00
CA VAL B 156 -22.04 -6.11 0.34
C VAL B 156 -21.45 -5.73 -1.02
N PHE B 157 -20.27 -6.28 -1.31
CA PHE B 157 -19.62 -6.14 -2.59
C PHE B 157 -19.78 -7.43 -3.39
N ILE B 158 -20.05 -7.28 -4.68
CA ILE B 158 -20.20 -8.43 -5.58
C ILE B 158 -19.06 -8.39 -6.59
N SER B 159 -18.30 -9.47 -6.66
CA SER B 159 -17.19 -9.58 -7.60
C SER B 159 -17.37 -10.89 -8.38
N ARG B 160 -16.27 -11.39 -8.95
CA ARG B 160 -16.33 -12.54 -9.82
C ARG B 160 -15.16 -13.48 -9.52
N TRP B 161 -15.38 -14.77 -9.72
CA TRP B 161 -14.30 -15.74 -9.67
C TRP B 161 -13.26 -15.39 -10.72
N ASN B 162 -11.99 -15.62 -10.39
CA ASN B 162 -10.82 -15.35 -11.22
C ASN B 162 -10.56 -13.86 -11.40
N ALA B 163 -11.30 -13.00 -10.70
CA ALA B 163 -10.95 -11.59 -10.67
C ALA B 163 -9.73 -11.37 -9.78
N TYR B 164 -8.95 -10.35 -10.10
CA TYR B 164 -7.83 -9.93 -9.26
C TYR B 164 -8.01 -8.48 -8.87
N HIS B 165 -7.98 -8.21 -7.57
CA HIS B 165 -8.14 -6.85 -7.05
C HIS B 165 -7.10 -6.50 -6.00
N GLY B 166 -5.96 -7.18 -6.01
CA GLY B 166 -4.84 -6.83 -5.16
C GLY B 166 -4.49 -7.94 -4.19
N SER B 167 -3.57 -7.61 -3.27
CA SER B 167 -3.01 -8.59 -2.36
C SER B 167 -3.16 -8.22 -0.89
N THR B 168 -3.77 -7.09 -0.58
CA THR B 168 -4.17 -6.82 0.79
C THR B 168 -5.30 -7.77 1.18
N VAL B 169 -5.63 -7.79 2.47
CA VAL B 169 -6.72 -8.63 2.96
C VAL B 169 -8.01 -8.31 2.20
N ALA B 170 -8.31 -7.02 2.04
CA ALA B 170 -9.47 -6.62 1.27
C ALA B 170 -9.27 -6.93 -0.22
N GLY B 171 -8.08 -6.69 -0.74
CA GLY B 171 -7.81 -6.97 -2.14
C GLY B 171 -7.95 -8.44 -2.48
N VAL B 172 -7.46 -9.32 -1.62
CA VAL B 172 -7.64 -10.75 -1.83
C VAL B 172 -9.11 -11.12 -1.70
N SER B 173 -9.80 -10.52 -0.74
CA SER B 173 -11.22 -10.81 -0.56
C SER B 173 -12.04 -10.39 -1.77
N LEU B 174 -11.77 -9.19 -2.30
CA LEU B 174 -12.49 -8.74 -3.49
C LEU B 174 -12.14 -9.57 -4.71
N GLY B 175 -10.88 -9.98 -4.83
CA GLY B 175 -10.48 -10.88 -5.90
C GLY B 175 -11.16 -12.24 -5.78
N GLY B 176 -11.06 -13.01 -6.86
CA GLY B 176 -11.71 -14.29 -6.92
C GLY B 176 -10.76 -15.46 -7.11
N MET B 177 -9.53 -15.31 -6.63
CA MET B 177 -8.52 -16.38 -6.71
C MET B 177 -8.70 -17.28 -5.50
N LYS B 178 -9.31 -18.45 -5.70
CA LYS B 178 -9.64 -19.32 -4.59
C LYS B 178 -8.39 -19.78 -3.84
N HIS B 179 -7.30 -20.06 -4.57
CA HIS B 179 -6.07 -20.45 -3.89
C HIS B 179 -5.48 -19.31 -3.09
N MET B 180 -5.64 -18.07 -3.56
CA MET B 180 -5.21 -16.91 -2.79
C MET B 180 -6.09 -16.70 -1.56
N HIS B 181 -7.40 -16.96 -1.70
CA HIS B 181 -8.31 -16.85 -0.57
C HIS B 181 -7.87 -17.74 0.59
N LYS B 182 -7.38 -18.94 0.29
CA LYS B 182 -7.03 -19.90 1.33
C LYS B 182 -5.99 -19.33 2.30
N GLN B 183 -5.00 -18.61 1.77
CA GLN B 183 -3.92 -18.08 2.59
C GLN B 183 -4.39 -16.78 3.24
N GLY B 184 -4.64 -16.83 4.54
CA GLY B 184 -5.30 -15.75 5.25
C GLY B 184 -6.72 -16.05 5.66
N ASP B 185 -7.26 -17.20 5.25
CA ASP B 185 -8.63 -17.60 5.53
C ASP B 185 -9.62 -16.51 5.10
N LEU B 186 -9.54 -16.19 3.82
CA LEU B 186 -10.33 -15.16 3.17
C LEU B 186 -11.31 -15.79 2.19
N PRO B 187 -12.32 -15.03 1.70
CA PRO B 187 -12.61 -13.60 1.86
C PRO B 187 -13.24 -13.23 3.21
N ILE B 188 -13.10 -11.96 3.59
CA ILE B 188 -13.80 -11.41 4.74
C ILE B 188 -15.29 -11.37 4.42
N ALA B 189 -16.11 -11.09 5.44
CA ALA B 189 -17.55 -11.07 5.24
C ALA B 189 -17.95 -9.87 4.39
N GLY B 190 -19.11 -10.01 3.73
CA GLY B 190 -19.63 -8.94 2.89
C GLY B 190 -19.08 -8.89 1.49
N VAL B 191 -18.54 -10.01 0.99
CA VAL B 191 -18.03 -10.10 -0.38
C VAL B 191 -18.57 -11.38 -1.01
N GLU B 192 -19.20 -11.25 -2.17
CA GLU B 192 -19.73 -12.40 -2.91
C GLU B 192 -19.08 -12.44 -4.29
N HIS B 193 -18.96 -13.65 -4.83
CA HIS B 193 -18.33 -13.87 -6.12
C HIS B 193 -19.25 -14.70 -7.02
N VAL B 194 -19.30 -14.32 -8.29
CA VAL B 194 -20.13 -14.98 -9.29
C VAL B 194 -19.26 -15.39 -10.47
N MET B 195 -19.87 -16.09 -11.42
CA MET B 195 -19.13 -16.61 -12.56
C MET B 195 -18.49 -15.49 -13.38
N GLN B 196 -17.30 -15.80 -13.95
CA GLN B 196 -16.59 -14.90 -14.86
C GLN B 196 -17.04 -15.12 -16.30
N PRO B 197 -17.06 -14.05 -17.10
CA PRO B 197 -17.48 -14.18 -18.52
C PRO B 197 -16.36 -14.71 -19.41
N TYR B 198 -15.96 -15.95 -19.16
CA TYR B 198 -14.84 -16.59 -19.85
C TYR B 198 -15.43 -17.53 -20.91
N GLN B 199 -15.53 -17.04 -22.14
CA GLN B 199 -16.20 -17.81 -23.20
C GLN B 199 -15.44 -19.09 -23.53
N PHE B 200 -14.11 -18.98 -23.72
CA PHE B 200 -13.35 -20.12 -24.20
C PHE B 200 -13.36 -21.27 -23.20
N GLY B 201 -13.23 -20.97 -21.91
CA GLY B 201 -13.18 -21.99 -20.90
C GLY B 201 -14.54 -22.52 -20.47
N ASP B 202 -15.51 -21.62 -20.29
CA ASP B 202 -16.77 -21.97 -19.66
C ASP B 202 -17.97 -21.87 -20.59
N GLY B 203 -17.81 -21.32 -21.78
CA GLY B 203 -18.92 -21.21 -22.72
C GLY B 203 -18.57 -21.67 -24.12
N PHE B 204 -17.66 -22.64 -24.22
CA PHE B 204 -17.22 -23.13 -25.51
C PHE B 204 -18.37 -23.82 -26.23
N GLY B 205 -18.69 -23.36 -27.43
CA GLY B 205 -19.80 -23.87 -28.20
C GLY B 205 -21.12 -23.19 -27.95
N GLU B 206 -21.18 -22.25 -27.00
CA GLU B 206 -22.40 -21.49 -26.74
C GLU B 206 -22.46 -20.26 -27.63
N ASP B 207 -23.68 -19.84 -27.94
CA ASP B 207 -23.86 -18.56 -28.59
C ASP B 207 -23.33 -17.47 -27.67
N PRO B 208 -22.49 -16.55 -28.18
CA PRO B 208 -21.91 -15.53 -27.29
C PRO B 208 -22.95 -14.68 -26.57
N ALA B 209 -24.03 -14.30 -27.26
CA ALA B 209 -25.06 -13.48 -26.62
C ALA B 209 -25.77 -14.25 -25.50
N ALA B 210 -25.94 -15.57 -25.66
CA ALA B 210 -26.59 -16.35 -24.62
C ALA B 210 -25.66 -16.62 -23.45
N PHE B 211 -24.37 -16.82 -23.73
CA PHE B 211 -23.39 -16.96 -22.65
C PHE B 211 -23.25 -15.65 -21.88
N ARG B 212 -23.20 -14.52 -22.60
CA ARG B 212 -23.17 -13.21 -21.94
C ARG B 212 -24.34 -13.04 -20.99
N ASP B 213 -25.55 -13.35 -21.46
CA ASP B 213 -26.74 -13.21 -20.61
C ASP B 213 -26.64 -14.09 -19.37
N ARG B 214 -26.10 -15.31 -19.53
CA ARG B 214 -25.87 -16.17 -18.37
C ARG B 214 -24.92 -15.52 -17.38
N ALA B 215 -23.86 -14.89 -17.87
CA ALA B 215 -22.89 -14.26 -16.98
C ALA B 215 -23.48 -13.03 -16.29
N VAL B 216 -24.32 -12.28 -17.00
CA VAL B 216 -24.99 -11.12 -16.39
C VAL B 216 -26.03 -11.58 -15.39
N GLN B 217 -26.79 -12.63 -15.72
CA GLN B 217 -27.82 -13.13 -14.82
C GLN B 217 -27.26 -13.60 -13.49
N ALA B 218 -26.04 -14.16 -13.50
CA ALA B 218 -25.42 -14.60 -12.26
C ALA B 218 -25.20 -13.44 -11.31
N ILE B 219 -24.90 -12.25 -11.85
CA ILE B 219 -24.77 -11.06 -11.01
C ILE B 219 -26.13 -10.68 -10.41
N GLU B 220 -27.16 -10.66 -11.25
CA GLU B 220 -28.50 -10.33 -10.76
C GLU B 220 -28.98 -11.35 -9.74
N ASP B 221 -28.75 -12.64 -9.99
CA ASP B 221 -29.13 -13.67 -9.02
C ASP B 221 -28.47 -13.43 -7.68
N LYS B 222 -27.18 -13.08 -7.67
CA LYS B 222 -26.50 -12.77 -6.42
C LYS B 222 -27.07 -11.54 -5.74
N ILE B 223 -27.39 -10.50 -6.53
CA ILE B 223 -28.01 -9.30 -5.98
C ILE B 223 -29.30 -9.64 -5.25
N LEU B 224 -30.15 -10.45 -5.89
CA LEU B 224 -31.42 -10.83 -5.30
C LEU B 224 -31.23 -11.72 -4.07
N GLU B 225 -30.22 -12.60 -4.10
CA GLU B 225 -29.96 -13.46 -2.95
C GLU B 225 -29.52 -12.63 -1.74
N VAL B 226 -28.52 -11.77 -1.92
CA VAL B 226 -28.06 -10.89 -0.85
C VAL B 226 -29.19 -9.96 -0.41
N GLY B 227 -30.06 -9.57 -1.33
CA GLY B 227 -31.02 -8.53 -1.07
C GLY B 227 -30.54 -7.21 -1.63
N PRO B 228 -31.25 -6.67 -2.62
CA PRO B 228 -30.78 -5.44 -3.29
C PRO B 228 -30.47 -4.30 -2.32
N GLU B 229 -31.27 -4.14 -1.27
CA GLU B 229 -31.03 -3.10 -0.28
C GLU B 229 -29.77 -3.34 0.53
N ASN B 230 -29.16 -4.52 0.44
CA ASN B 230 -27.96 -4.84 1.20
C ASN B 230 -26.69 -4.79 0.35
N VAL B 231 -26.81 -4.54 -0.95
CA VAL B 231 -25.67 -4.53 -1.85
C VAL B 231 -25.12 -3.12 -1.96
N ALA B 232 -23.80 -2.98 -1.79
CA ALA B 232 -23.16 -1.68 -1.86
C ALA B 232 -22.68 -1.36 -3.28
N ALA B 233 -22.01 -2.31 -3.94
CA ALA B 233 -21.43 -2.04 -5.25
C ALA B 233 -21.06 -3.35 -5.93
N PHE B 234 -20.95 -3.28 -7.25
CA PHE B 234 -20.32 -4.32 -8.05
C PHE B 234 -18.95 -3.82 -8.52
N ILE B 235 -17.95 -4.70 -8.44
CA ILE B 235 -16.59 -4.36 -8.84
C ILE B 235 -16.11 -5.38 -9.84
N GLY B 236 -15.39 -4.91 -10.86
CA GLY B 236 -14.82 -5.80 -11.85
C GLY B 236 -13.78 -5.13 -12.72
N GLU B 237 -12.82 -5.91 -13.19
CA GLU B 237 -11.88 -5.41 -14.20
C GLU B 237 -12.59 -5.36 -15.55
N PRO B 238 -12.44 -4.28 -16.31
CA PRO B 238 -12.98 -4.28 -17.68
C PRO B 238 -12.49 -5.49 -18.47
N VAL B 239 -11.18 -5.74 -18.47
CA VAL B 239 -10.60 -6.98 -18.95
C VAL B 239 -9.83 -7.59 -17.79
N GLN B 240 -10.10 -8.85 -17.48
CA GLN B 240 -9.44 -9.52 -16.37
C GLN B 240 -7.98 -9.81 -16.76
N GLY B 241 -7.06 -9.05 -16.18
CA GLY B 241 -5.66 -9.16 -16.56
C GLY B 241 -4.94 -10.37 -16.01
N ALA B 242 -4.70 -10.39 -14.70
CA ALA B 242 -3.99 -11.50 -14.07
C ALA B 242 -4.74 -12.83 -14.23
N GLY B 243 -6.05 -12.79 -14.45
CA GLY B 243 -6.81 -14.01 -14.64
C GLY B 243 -6.62 -14.68 -15.98
N GLY B 244 -5.88 -14.06 -16.90
CA GLY B 244 -5.60 -14.67 -18.18
C GLY B 244 -6.17 -13.93 -19.37
N VAL B 245 -6.28 -12.61 -19.26
CA VAL B 245 -6.82 -11.74 -20.32
C VAL B 245 -8.21 -12.23 -20.69
N ILE B 246 -9.14 -12.17 -19.74
CA ILE B 246 -10.52 -12.59 -19.97
C ILE B 246 -11.27 -11.39 -20.54
N ILE B 247 -11.50 -11.40 -21.85
CA ILE B 247 -12.20 -10.32 -22.53
C ILE B 247 -13.69 -10.70 -22.58
N PRO B 248 -14.58 -9.92 -21.98
CA PRO B 248 -15.99 -10.31 -21.90
C PRO B 248 -16.66 -10.23 -23.27
N PRO B 249 -17.75 -10.96 -23.48
CA PRO B 249 -18.47 -10.87 -24.75
C PRO B 249 -19.06 -9.49 -24.97
N ASP B 250 -19.34 -9.18 -26.23
CA ASP B 250 -19.95 -7.92 -26.59
C ASP B 250 -21.31 -7.76 -25.91
N GLY B 251 -21.55 -6.57 -25.36
CA GLY B 251 -22.78 -6.27 -24.67
C GLY B 251 -22.78 -6.60 -23.19
N TYR B 252 -21.71 -7.23 -22.68
CA TYR B 252 -21.65 -7.62 -21.28
C TYR B 252 -21.66 -6.39 -20.38
N TRP B 253 -20.71 -5.48 -20.58
CA TRP B 253 -20.54 -4.33 -19.69
C TRP B 253 -21.72 -3.36 -19.74
N PRO B 254 -22.28 -3.04 -20.93
CA PRO B 254 -23.52 -2.24 -20.92
C PRO B 254 -24.63 -2.90 -20.12
N ALA B 255 -24.76 -4.23 -20.20
CA ALA B 255 -25.78 -4.92 -19.43
C ALA B 255 -25.48 -4.89 -17.94
N VAL B 256 -24.19 -4.96 -17.57
CA VAL B 256 -23.82 -4.90 -16.16
C VAL B 256 -24.11 -3.51 -15.59
N GLU B 257 -23.79 -2.46 -16.35
CA GLU B 257 -24.10 -1.10 -15.90
C GLU B 257 -25.59 -0.93 -15.68
N ALA B 258 -26.41 -1.38 -16.63
CA ALA B 258 -27.86 -1.31 -16.46
C ALA B 258 -28.32 -2.04 -15.21
N LEU B 259 -27.71 -3.20 -14.92
CA LEU B 259 -28.02 -3.93 -13.69
C LEU B 259 -27.75 -3.06 -12.46
N CYS B 260 -26.58 -2.42 -12.42
CA CYS B 260 -26.26 -1.55 -11.29
C CYS B 260 -27.26 -0.42 -11.15
N ARG B 261 -27.59 0.24 -12.27
CA ARG B 261 -28.56 1.33 -12.23
C ARG B 261 -29.96 0.84 -11.86
N LYS B 262 -30.30 -0.38 -12.26
CA LYS B 262 -31.62 -0.92 -11.93
C LYS B 262 -31.81 -1.05 -10.42
N TYR B 263 -30.80 -1.55 -9.72
CA TYR B 263 -30.89 -1.81 -8.29
C TYR B 263 -30.23 -0.72 -7.45
N GLY B 264 -29.78 0.36 -8.08
CA GLY B 264 -29.23 1.49 -7.35
C GLY B 264 -27.93 1.20 -6.61
N ILE B 265 -27.11 0.31 -7.12
CA ILE B 265 -25.83 0.00 -6.51
C ILE B 265 -24.73 0.68 -7.31
N LEU B 266 -23.59 0.91 -6.66
CA LEU B 266 -22.48 1.58 -7.30
C LEU B 266 -21.76 0.64 -8.26
N LEU B 267 -21.19 1.23 -9.31
CA LEU B 267 -20.38 0.50 -10.28
C LEU B 267 -18.92 0.89 -10.09
N VAL B 268 -18.07 -0.11 -9.82
CA VAL B 268 -16.65 0.10 -9.61
C VAL B 268 -15.89 -0.69 -10.67
N CYS B 269 -15.00 -0.01 -11.39
CA CYS B 269 -14.13 -0.65 -12.37
C CYS B 269 -12.69 -0.58 -11.87
N ASP B 270 -12.04 -1.74 -11.79
CA ASP B 270 -10.64 -1.82 -11.39
C ASP B 270 -9.78 -1.58 -12.62
N GLU B 271 -9.19 -0.39 -12.72
CA GLU B 271 -8.43 0.04 -13.88
C GLU B 271 -6.92 -0.05 -13.68
N VAL B 272 -6.47 -0.80 -12.66
CA VAL B 272 -5.05 -0.83 -12.33
C VAL B 272 -4.24 -1.39 -13.50
N ALA B 273 -4.76 -2.42 -14.16
CA ALA B 273 -4.07 -2.99 -15.31
C ALA B 273 -4.55 -2.40 -16.63
N CYS B 274 -5.86 -2.22 -16.79
CA CYS B 274 -6.42 -1.73 -18.05
C CYS B 274 -6.21 -0.23 -18.27
N GLY B 275 -5.84 0.52 -17.23
CA GLY B 275 -5.76 1.96 -17.34
C GLY B 275 -4.53 2.44 -18.10
N PHE B 276 -4.62 3.69 -18.54
CA PHE B 276 -3.50 4.44 -19.10
C PHE B 276 -2.96 3.79 -20.38
N GLY B 277 -3.86 3.59 -21.34
CA GLY B 277 -3.48 3.24 -22.69
C GLY B 277 -3.50 1.76 -23.01
N ARG B 278 -3.65 0.89 -22.01
CA ARG B 278 -3.51 -0.54 -22.25
C ARG B 278 -4.53 -1.07 -23.25
N LEU B 279 -5.77 -0.61 -23.15
CA LEU B 279 -6.84 -1.05 -24.04
C LEU B 279 -7.13 -0.05 -25.16
N GLY B 280 -6.23 0.90 -25.39
CA GLY B 280 -6.47 1.95 -26.37
C GLY B 280 -7.25 3.13 -25.85
N GLN B 281 -7.51 3.19 -24.54
CA GLN B 281 -8.19 4.30 -23.91
C GLN B 281 -7.43 4.69 -22.65
N TRP B 282 -7.72 5.87 -22.13
CA TRP B 282 -7.12 6.28 -20.86
C TRP B 282 -7.57 5.36 -19.73
N PHE B 283 -8.77 4.78 -19.84
CA PHE B 283 -9.25 3.81 -18.88
C PHE B 283 -10.09 2.77 -19.61
N GLY B 284 -9.98 1.51 -19.17
CA GLY B 284 -10.63 0.42 -19.88
C GLY B 284 -12.12 0.60 -20.04
N HIS B 285 -12.79 1.14 -19.00
CA HIS B 285 -14.24 1.29 -19.06
C HIS B 285 -14.68 2.24 -20.15
N GLN B 286 -13.80 3.15 -20.59
CA GLN B 286 -14.16 4.08 -21.66
C GLN B 286 -14.31 3.37 -22.99
N HIS B 287 -13.60 2.27 -23.19
CA HIS B 287 -13.78 1.46 -24.39
C HIS B 287 -15.19 0.90 -24.47
N TYR B 288 -15.81 0.61 -23.33
CA TYR B 288 -17.13 0.02 -23.27
C TYR B 288 -18.24 1.05 -23.06
N GLY B 289 -17.90 2.32 -22.90
CA GLY B 289 -18.90 3.37 -22.78
C GLY B 289 -19.71 3.35 -21.52
N ILE B 290 -19.19 2.78 -20.44
CA ILE B 290 -19.91 2.73 -19.17
C ILE B 290 -19.37 3.85 -18.27
N LYS B 291 -20.13 4.16 -17.22
CA LYS B 291 -19.86 5.30 -16.34
C LYS B 291 -19.76 4.79 -14.90
N PRO B 292 -18.60 4.30 -14.50
CA PRO B 292 -18.45 3.81 -13.12
C PRO B 292 -18.47 4.95 -12.12
N ASP B 293 -18.87 4.61 -10.89
CA ASP B 293 -18.89 5.59 -9.81
C ASP B 293 -17.52 5.71 -9.14
N LEU B 294 -16.74 4.64 -9.14
CA LEU B 294 -15.37 4.66 -8.63
C LEU B 294 -14.49 3.81 -9.52
N ILE B 295 -13.22 4.19 -9.62
CA ILE B 295 -12.22 3.38 -10.30
C ILE B 295 -10.95 3.36 -9.45
N ALA B 296 -10.24 2.23 -9.51
CA ALA B 296 -8.93 2.10 -8.90
C ALA B 296 -7.88 2.11 -10.01
N MET B 297 -6.76 2.79 -9.75
CA MET B 297 -5.72 2.91 -10.75
C MET B 297 -4.35 2.86 -10.08
N ALA B 298 -3.38 2.32 -10.82
CA ALA B 298 -1.99 2.25 -10.40
C ALA B 298 -1.14 1.85 -11.60
N LYS B 299 -0.06 1.10 -11.34
CA LYS B 299 0.79 0.54 -12.39
C LYS B 299 1.15 1.56 -13.46
N GLY B 300 0.37 1.60 -14.54
CA GLY B 300 0.62 2.53 -15.64
C GLY B 300 0.48 3.99 -15.28
N LEU B 301 -0.11 4.30 -14.12
CA LEU B 301 -0.20 5.69 -13.67
C LEU B 301 1.14 6.39 -13.70
N SER B 302 2.20 5.72 -13.24
CA SER B 302 3.55 6.26 -13.29
C SER B 302 4.48 5.39 -14.12
N SER B 303 3.92 4.49 -14.93
CA SER B 303 4.67 3.49 -15.68
C SER B 303 5.61 2.70 -14.77
N GLY B 304 5.20 2.50 -13.51
CA GLY B 304 6.01 1.78 -12.55
C GLY B 304 7.26 2.48 -12.08
N TYR B 305 7.50 3.72 -12.51
CA TYR B 305 8.74 4.39 -12.15
C TYR B 305 8.79 4.77 -10.68
N LEU B 306 7.64 5.05 -10.07
CA LEU B 306 7.55 5.26 -8.63
C LEU B 306 6.20 4.75 -8.14
N PRO B 307 6.13 4.25 -6.91
CA PRO B 307 4.86 3.74 -6.37
C PRO B 307 3.87 4.87 -6.13
N ILE B 308 2.71 4.78 -6.78
CA ILE B 308 1.61 5.71 -6.54
C ILE B 308 0.36 5.08 -7.11
N SER B 309 -0.78 5.34 -6.45
CA SER B 309 -2.07 4.85 -6.92
C SER B 309 -3.13 5.87 -6.55
N ALA B 310 -4.32 5.70 -7.11
CA ALA B 310 -5.40 6.64 -6.87
C ALA B 310 -6.74 5.95 -7.06
N VAL B 311 -7.76 6.50 -6.40
CA VAL B 311 -9.15 6.09 -6.60
C VAL B 311 -9.89 7.26 -7.21
N GLY B 312 -10.43 7.06 -8.41
CA GLY B 312 -11.29 8.05 -9.02
C GLY B 312 -12.67 8.02 -8.37
N VAL B 313 -13.17 9.19 -7.98
CA VAL B 313 -14.39 9.31 -7.19
C VAL B 313 -15.39 10.18 -7.93
N ALA B 314 -16.62 9.68 -8.07
CA ALA B 314 -17.67 10.42 -8.75
C ALA B 314 -18.03 11.68 -7.97
N ASP B 315 -18.54 12.68 -8.70
CA ASP B 315 -18.88 13.96 -8.08
C ASP B 315 -19.95 13.81 -7.01
N HIS B 316 -20.93 12.92 -7.23
CA HIS B 316 -22.01 12.77 -6.26
C HIS B 316 -21.54 12.07 -4.99
N ILE B 317 -20.47 11.28 -5.05
CA ILE B 317 -19.86 10.74 -3.84
C ILE B 317 -19.24 11.87 -3.03
N VAL B 318 -18.49 12.76 -3.70
CA VAL B 318 -17.86 13.89 -3.02
C VAL B 318 -18.91 14.81 -2.42
N ALA B 319 -20.07 14.92 -3.06
CA ALA B 319 -21.14 15.78 -2.53
C ALA B 319 -21.57 15.33 -1.15
N GLU B 320 -21.63 14.02 -0.91
CA GLU B 320 -21.96 13.53 0.43
C GLU B 320 -20.91 13.94 1.45
N LEU B 321 -19.63 13.81 1.10
CA LEU B 321 -18.56 14.23 2.01
C LEU B 321 -18.61 15.72 2.26
N ARG B 322 -18.88 16.52 1.21
CA ARG B 322 -18.85 17.96 1.33
C ARG B 322 -20.08 18.52 2.04
N GLU B 323 -21.23 17.87 1.90
CA GLU B 323 -22.47 18.41 2.45
C GLU B 323 -22.75 17.88 3.85
N LYS B 324 -22.47 16.61 4.11
CA LYS B 324 -22.70 16.04 5.44
C LYS B 324 -21.55 16.32 6.41
N GLY B 325 -20.34 16.56 5.90
CA GLY B 325 -19.21 16.77 6.77
C GLY B 325 -18.79 15.49 7.47
N GLY B 326 -18.03 15.67 8.54
CA GLY B 326 -17.47 14.54 9.26
C GLY B 326 -16.19 14.02 8.65
N ASP B 327 -15.25 13.61 9.50
CA ASP B 327 -13.99 13.06 9.01
C ASP B 327 -14.22 11.78 8.23
N PHE B 328 -13.53 11.64 7.10
CA PHE B 328 -13.32 10.34 6.47
C PHE B 328 -12.00 9.81 7.01
N ILE B 329 -12.06 8.99 8.05
CA ILE B 329 -10.87 8.58 8.79
C ILE B 329 -10.14 7.51 7.97
N HIS B 330 -9.46 7.94 6.92
CA HIS B 330 -8.82 7.03 6.00
C HIS B 330 -7.70 7.76 5.28
N GLY B 331 -6.57 7.09 5.12
CA GLY B 331 -5.45 7.65 4.40
C GLY B 331 -4.15 7.04 4.85
N PHE B 332 -3.13 7.22 4.00
CA PHE B 332 -1.82 6.64 4.22
C PHE B 332 -0.77 7.73 4.29
N THR B 333 0.32 7.44 5.00
CA THR B 333 1.42 8.38 5.12
C THR B 333 1.83 8.93 3.75
N TYR B 334 1.94 8.07 2.75
CA TYR B 334 2.39 8.46 1.43
C TYR B 334 1.24 8.77 0.47
N SER B 335 0.02 8.94 1.00
CA SER B 335 -1.08 9.44 0.18
C SER B 335 -0.74 10.82 -0.39
N GLY B 336 -0.60 10.90 -1.71
CA GLY B 336 -0.26 12.17 -2.32
C GLY B 336 1.21 12.51 -2.26
N HIS B 337 2.08 11.51 -2.20
CA HIS B 337 3.51 11.72 -2.14
C HIS B 337 3.98 12.62 -3.28
N PRO B 338 4.59 13.78 -2.98
CA PRO B 338 4.85 14.76 -4.04
C PRO B 338 5.81 14.28 -5.10
N THR B 339 6.83 13.50 -4.74
CA THR B 339 7.78 13.01 -5.73
C THR B 339 7.13 11.98 -6.65
N ALA B 340 6.40 11.03 -6.07
CA ALA B 340 5.68 10.05 -6.89
C ALA B 340 4.64 10.74 -7.76
N ALA B 341 3.98 11.77 -7.24
CA ALA B 341 2.99 12.50 -8.03
C ALA B 341 3.64 13.24 -9.19
N ALA B 342 4.80 13.86 -8.95
CA ALA B 342 5.50 14.57 -10.02
C ALA B 342 5.89 13.62 -11.14
N VAL B 343 6.34 12.41 -10.80
CA VAL B 343 6.72 11.43 -11.81
C VAL B 343 5.49 10.94 -12.57
N ALA B 344 4.39 10.71 -11.86
CA ALA B 344 3.15 10.29 -12.53
C ALA B 344 2.65 11.38 -13.47
N LEU B 345 2.76 12.64 -13.07
CA LEU B 345 2.36 13.74 -13.93
C LEU B 345 3.22 13.79 -15.19
N LYS B 346 4.54 13.74 -15.02
CA LYS B 346 5.43 13.72 -16.18
C LYS B 346 5.19 12.50 -17.05
N ASN B 347 4.87 11.36 -16.43
CA ASN B 347 4.58 10.14 -17.19
C ASN B 347 3.37 10.35 -18.10
N ILE B 348 2.31 10.95 -17.57
CA ILE B 348 1.13 11.24 -18.38
C ILE B 348 1.48 12.20 -19.51
N GLU B 349 2.32 13.20 -19.22
CA GLU B 349 2.70 14.17 -20.24
C GLU B 349 3.50 13.52 -21.36
N ILE B 350 4.34 12.54 -21.02
CA ILE B 350 5.04 11.77 -22.05
C ILE B 350 4.04 11.00 -22.90
N MET B 351 3.04 10.40 -22.26
CA MET B 351 1.99 9.70 -23.00
C MET B 351 1.23 10.65 -23.92
N GLU B 352 0.89 11.84 -23.42
CA GLU B 352 0.23 12.84 -24.25
C GLU B 352 1.11 13.26 -25.41
N ARG B 353 2.37 13.61 -25.12
CA ARG B 353 3.28 14.08 -26.16
C ARG B 353 3.45 13.04 -27.25
N GLU B 354 3.71 11.79 -26.87
CA GLU B 354 3.96 10.72 -27.84
C GLU B 354 2.69 10.03 -28.30
N GLY B 355 1.54 10.41 -27.77
CA GLY B 355 0.26 9.86 -28.23
C GLY B 355 0.11 8.36 -28.10
N LEU B 356 0.60 7.78 -27.00
CA LEU B 356 0.58 6.32 -26.88
C LEU B 356 -0.84 5.78 -26.74
N VAL B 357 -1.77 6.58 -26.22
CA VAL B 357 -3.16 6.12 -26.10
C VAL B 357 -3.77 5.95 -27.48
N GLU B 358 -3.68 6.98 -28.32
CA GLU B 358 -4.19 6.88 -29.68
C GLU B 358 -3.42 5.84 -30.49
N ARG B 359 -2.11 5.75 -30.28
CA ARG B 359 -1.30 4.79 -31.03
C ARG B 359 -1.72 3.36 -30.71
N THR B 360 -2.01 3.07 -29.45
CA THR B 360 -2.44 1.72 -29.08
C THR B 360 -3.81 1.41 -29.69
N ARG B 361 -4.73 2.38 -29.66
CA ARG B 361 -6.07 2.13 -30.19
C ARG B 361 -6.05 1.93 -31.71
N ASP B 362 -5.25 2.71 -32.42
CA ASP B 362 -5.34 2.74 -33.88
C ASP B 362 -4.22 1.97 -34.59
N GLU B 363 -3.04 1.85 -33.98
CA GLU B 363 -1.88 1.28 -34.65
C GLU B 363 -1.45 -0.05 -34.01
N THR B 364 -0.82 -0.01 -32.84
CA THR B 364 -0.17 -1.20 -32.29
C THR B 364 -1.18 -2.23 -31.81
N GLY B 365 -2.31 -1.78 -31.27
CA GLY B 365 -3.36 -2.69 -30.84
C GLY B 365 -3.85 -3.60 -31.94
N PRO B 366 -4.39 -3.01 -33.03
CA PRO B 366 -4.78 -3.84 -34.17
C PRO B 366 -3.64 -4.67 -34.75
N TYR B 367 -2.42 -4.12 -34.80
CA TYR B 367 -1.30 -4.89 -35.34
C TYR B 367 -1.00 -6.12 -34.49
N LEU B 368 -1.05 -5.98 -33.15
CA LEU B 368 -0.87 -7.14 -32.29
C LEU B 368 -1.92 -8.20 -32.57
N ALA B 369 -3.16 -7.78 -32.80
CA ALA B 369 -4.22 -8.72 -33.14
C ALA B 369 -3.93 -9.41 -34.47
N GLN B 370 -3.43 -8.67 -35.46
CA GLN B 370 -3.08 -9.25 -36.75
C GLN B 370 -1.89 -10.19 -36.61
N ALA B 371 -0.90 -9.82 -35.81
CA ALA B 371 0.26 -10.67 -35.62
C ALA B 371 -0.09 -11.94 -34.85
N LEU B 372 -0.88 -11.81 -33.78
CA LEU B 372 -1.28 -12.98 -33.00
C LEU B 372 -2.15 -13.93 -33.82
N ALA B 373 -2.95 -13.39 -34.75
CA ALA B 373 -3.83 -14.24 -35.55
C ALA B 373 -3.05 -15.20 -36.45
N SER B 374 -1.79 -14.90 -36.76
CA SER B 374 -0.98 -15.81 -37.55
C SER B 374 -0.66 -17.10 -36.81
N LEU B 375 -0.80 -17.11 -35.48
CA LEU B 375 -0.61 -18.32 -34.70
C LEU B 375 -1.80 -19.28 -34.77
N ASN B 376 -2.89 -18.87 -35.42
CA ASN B 376 -4.10 -19.68 -35.43
C ASN B 376 -3.89 -21.04 -36.10
N ASP B 377 -2.96 -21.13 -37.05
CA ASP B 377 -2.74 -22.38 -37.76
C ASP B 377 -1.82 -23.33 -37.01
N HIS B 378 -1.24 -22.92 -35.89
CA HIS B 378 -0.36 -23.81 -35.14
C HIS B 378 -1.16 -24.93 -34.49
N PRO B 379 -0.65 -26.16 -34.52
CA PRO B 379 -1.42 -27.29 -33.96
C PRO B 379 -1.73 -27.17 -32.48
N LEU B 380 -0.98 -26.37 -31.72
CA LEU B 380 -1.17 -26.26 -30.28
C LEU B 380 -2.09 -25.10 -29.88
N VAL B 381 -2.46 -24.23 -30.81
CA VAL B 381 -3.18 -23.00 -30.47
C VAL B 381 -4.68 -23.26 -30.64
N GLY B 382 -5.43 -23.02 -29.58
CA GLY B 382 -6.88 -23.17 -29.62
C GLY B 382 -7.60 -21.88 -29.95
N GLU B 383 -7.06 -20.76 -29.49
CA GLU B 383 -7.68 -19.45 -29.67
C GLU B 383 -6.69 -18.37 -29.28
N VAL B 384 -6.67 -17.28 -30.04
CA VAL B 384 -5.95 -16.07 -29.66
C VAL B 384 -6.96 -14.94 -29.53
N ARG B 385 -6.68 -14.04 -28.60
CA ARG B 385 -7.56 -12.90 -28.36
C ARG B 385 -6.73 -11.75 -27.83
N SER B 386 -7.17 -10.52 -28.12
CA SER B 386 -6.44 -9.34 -27.69
C SER B 386 -7.33 -8.12 -27.81
N LEU B 387 -6.98 -7.09 -27.04
CA LEU B 387 -7.63 -5.78 -27.12
C LEU B 387 -6.61 -4.75 -26.69
N GLY B 388 -6.35 -3.77 -27.55
CA GLY B 388 -5.20 -2.92 -27.33
C GLY B 388 -3.93 -3.74 -27.33
N LEU B 389 -3.05 -3.47 -26.36
CA LEU B 389 -1.77 -4.15 -26.26
C LEU B 389 -1.74 -5.15 -25.09
N ILE B 390 -2.84 -5.86 -24.88
CA ILE B 390 -2.86 -7.03 -24.02
C ILE B 390 -3.51 -8.17 -24.79
N GLY B 391 -2.96 -9.37 -24.64
CA GLY B 391 -3.43 -10.51 -25.43
C GLY B 391 -3.07 -11.82 -24.76
N ALA B 392 -3.74 -12.88 -25.22
CA ALA B 392 -3.54 -14.21 -24.69
C ALA B 392 -3.58 -15.23 -25.82
N VAL B 393 -2.79 -16.30 -25.66
CA VAL B 393 -2.77 -17.42 -26.60
C VAL B 393 -3.11 -18.68 -25.82
N GLU B 394 -4.21 -19.34 -26.21
CA GLU B 394 -4.65 -20.55 -25.53
C GLU B 394 -3.91 -21.78 -26.06
N ILE B 395 -3.47 -22.63 -25.13
CA ILE B 395 -2.80 -23.88 -25.47
C ILE B 395 -3.79 -25.02 -25.26
N VAL B 396 -4.00 -25.81 -26.32
CA VAL B 396 -4.92 -26.94 -26.27
C VAL B 396 -4.20 -28.17 -26.83
N ARG B 397 -4.68 -29.34 -26.41
CA ARG B 397 -4.16 -30.60 -26.93
C ARG B 397 -4.93 -31.11 -28.13
N GLU B 398 -6.07 -30.50 -28.47
CA GLU B 398 -6.91 -30.95 -29.57
C GLU B 398 -7.43 -29.73 -30.31
N LYS B 399 -7.02 -29.57 -31.56
CA LYS B 399 -7.44 -28.44 -32.37
C LYS B 399 -8.96 -28.37 -32.46
N GLY B 400 -9.50 -27.16 -32.37
CA GLY B 400 -10.93 -26.95 -32.44
C GLY B 400 -11.69 -27.21 -31.16
N THR B 401 -10.99 -27.49 -30.05
CA THR B 401 -11.61 -27.70 -28.76
C THR B 401 -10.96 -26.77 -27.74
N ASN B 402 -11.43 -26.85 -26.50
CA ASN B 402 -10.76 -26.23 -25.36
C ASN B 402 -10.11 -27.28 -24.46
N HIS B 403 -9.85 -28.47 -25.00
CA HIS B 403 -9.30 -29.56 -24.21
C HIS B 403 -7.83 -29.28 -23.88
N ARG B 404 -7.47 -29.52 -22.63
CA ARG B 404 -6.14 -29.19 -22.11
C ARG B 404 -5.30 -30.44 -21.97
N PHE B 405 -3.98 -30.27 -22.05
CA PHE B 405 -3.08 -31.39 -21.89
C PHE B 405 -3.24 -32.01 -20.51
N LEU B 406 -3.27 -33.34 -20.47
CA LEU B 406 -3.49 -34.14 -19.27
C LEU B 406 -4.86 -33.88 -18.63
N ASP B 407 -5.75 -33.17 -19.32
CA ASP B 407 -7.04 -32.76 -18.76
C ASP B 407 -6.85 -32.08 -17.41
N LYS B 408 -5.78 -31.28 -17.30
CA LYS B 408 -5.39 -30.64 -16.05
C LYS B 408 -4.71 -29.32 -16.40
N GLU B 409 -5.52 -28.25 -16.46
CA GLU B 409 -5.02 -26.91 -16.74
C GLU B 409 -3.81 -26.58 -15.87
N GLY B 410 -2.78 -26.02 -16.51
CA GLY B 410 -1.59 -25.57 -15.82
C GLY B 410 -0.36 -26.44 -16.03
N GLU B 411 -0.44 -27.51 -16.82
CA GLU B 411 0.74 -28.31 -17.14
C GLU B 411 1.45 -27.79 -18.38
N ALA B 412 0.70 -27.58 -19.46
CA ALA B 412 1.33 -27.13 -20.71
C ALA B 412 1.84 -25.70 -20.61
N GLY B 413 1.12 -24.84 -19.90
CA GLY B 413 1.44 -23.44 -19.79
C GLY B 413 2.88 -23.14 -19.39
N PRO B 414 3.29 -23.58 -18.20
CA PRO B 414 4.67 -23.32 -17.76
C PRO B 414 5.73 -23.86 -18.71
N ILE B 415 5.45 -24.98 -19.40
CA ILE B 415 6.44 -25.54 -20.30
C ILE B 415 6.68 -24.61 -21.49
N VAL B 416 5.60 -24.08 -22.06
CA VAL B 416 5.73 -23.12 -23.16
C VAL B 416 6.34 -21.81 -22.65
N ARG B 417 5.96 -21.39 -21.44
CA ARG B 417 6.50 -20.16 -20.87
C ARG B 417 8.01 -20.23 -20.70
N ASP B 418 8.51 -21.34 -20.16
CA ASP B 418 9.95 -21.46 -19.91
C ASP B 418 10.73 -21.47 -21.22
N LEU B 419 10.16 -22.02 -22.28
CA LEU B 419 10.84 -22.00 -23.58
C LEU B 419 10.85 -20.59 -24.16
N CYS B 420 9.77 -19.83 -23.96
CA CYS B 420 9.76 -18.42 -24.37
C CYS B 420 10.88 -17.65 -23.68
N ILE B 421 11.03 -17.83 -22.36
CA ILE B 421 12.08 -17.13 -21.63
C ILE B 421 13.45 -17.55 -22.12
N LYS B 422 13.64 -18.85 -22.37
CA LYS B 422 14.91 -19.33 -22.92
C LYS B 422 15.20 -18.67 -24.26
N ASN B 423 14.16 -18.43 -25.06
CA ASN B 423 14.30 -17.83 -26.38
C ASN B 423 14.26 -16.31 -26.35
N GLY B 424 14.35 -15.69 -25.17
CA GLY B 424 14.49 -14.25 -25.08
C GLY B 424 13.22 -13.46 -24.98
N LEU B 425 12.13 -14.04 -24.51
CA LEU B 425 10.85 -13.32 -24.37
C LEU B 425 10.27 -13.61 -22.99
N MET B 426 10.07 -12.55 -22.21
CA MET B 426 9.43 -12.66 -20.91
C MET B 426 7.91 -12.55 -21.09
N VAL B 427 7.25 -13.70 -21.16
CA VAL B 427 5.80 -13.80 -21.05
C VAL B 427 5.49 -14.82 -19.98
N ARG B 428 4.28 -14.74 -19.43
CA ARG B 428 3.88 -15.60 -18.33
C ARG B 428 2.71 -16.47 -18.77
N ALA B 429 2.59 -17.63 -18.14
CA ALA B 429 1.49 -18.55 -18.38
C ALA B 429 0.49 -18.43 -17.24
N ILE B 430 -0.75 -18.06 -17.58
CA ILE B 430 -1.87 -18.11 -16.66
C ILE B 430 -2.70 -19.33 -17.04
N ARG B 431 -2.65 -20.36 -16.21
CA ARG B 431 -3.19 -21.69 -16.55
C ARG B 431 -2.48 -22.12 -17.84
N ASP B 432 -3.21 -22.51 -18.89
CA ASP B 432 -2.60 -22.84 -20.17
C ASP B 432 -2.71 -21.70 -21.18
N SER B 433 -2.70 -20.46 -20.71
CA SER B 433 -2.80 -19.28 -21.56
C SER B 433 -1.51 -18.48 -21.48
N ILE B 434 -0.84 -18.30 -22.61
CA ILE B 434 0.32 -17.44 -22.70
C ILE B 434 -0.17 -16.01 -22.95
N VAL B 435 0.09 -15.12 -22.01
CA VAL B 435 -0.42 -13.75 -22.07
C VAL B 435 0.75 -12.79 -22.27
N CYS B 436 0.52 -11.76 -23.08
CA CYS B 436 1.52 -10.72 -23.33
C CYS B 436 0.91 -9.36 -23.02
N CYS B 437 1.77 -8.44 -22.60
CA CYS B 437 1.37 -7.09 -22.21
C CYS B 437 2.57 -6.16 -22.30
N PRO B 438 3.07 -5.90 -23.51
CA PRO B 438 4.34 -5.18 -23.66
C PRO B 438 4.16 -3.69 -23.39
N PRO B 439 5.26 -2.95 -23.25
CA PRO B 439 5.14 -1.49 -23.16
C PRO B 439 4.47 -0.91 -24.39
N LEU B 440 3.83 0.25 -24.21
CA LEU B 440 3.10 0.88 -25.30
C LEU B 440 4.02 1.42 -26.40
N ILE B 441 5.33 1.52 -26.15
CA ILE B 441 6.27 2.02 -27.14
C ILE B 441 6.78 0.92 -28.06
N ILE B 442 6.35 -0.33 -27.86
CA ILE B 442 6.81 -1.44 -28.69
C ILE B 442 6.52 -1.14 -30.16
N THR B 443 7.51 -1.42 -31.01
CA THR B 443 7.36 -1.23 -32.44
C THR B 443 6.69 -2.45 -33.08
N LYS B 444 6.26 -2.28 -34.33
CA LYS B 444 5.66 -3.39 -35.06
C LYS B 444 6.67 -4.51 -35.27
N ALA B 445 7.93 -4.15 -35.56
CA ALA B 445 8.97 -5.16 -35.72
C ALA B 445 9.18 -5.93 -34.42
N GLN B 446 9.13 -5.24 -33.28
CA GLN B 446 9.28 -5.94 -32.01
C GLN B 446 8.05 -6.78 -31.68
N ILE B 447 6.88 -6.37 -32.18
CA ILE B 447 5.70 -7.22 -32.04
C ILE B 447 5.87 -8.50 -32.85
N ASP B 448 6.41 -8.39 -34.06
CA ASP B 448 6.69 -9.57 -34.86
C ASP B 448 7.75 -10.45 -34.19
N GLU B 449 8.74 -9.82 -33.55
CA GLU B 449 9.73 -10.57 -32.79
C GLU B 449 9.09 -11.34 -31.64
N LEU B 450 8.20 -10.67 -30.90
CA LEU B 450 7.52 -11.31 -29.78
C LEU B 450 6.72 -12.52 -30.25
N VAL B 451 5.86 -12.33 -31.26
CA VAL B 451 5.04 -13.43 -31.76
C VAL B 451 5.92 -14.53 -32.35
N GLY B 452 7.00 -14.14 -33.04
CA GLY B 452 7.91 -15.13 -33.59
C GLY B 452 8.51 -16.04 -32.54
N ILE B 453 8.90 -15.46 -31.40
CA ILE B 453 9.48 -16.26 -30.32
C ILE B 453 8.44 -17.20 -29.73
N ILE B 454 7.19 -16.74 -29.61
CA ILE B 454 6.12 -17.59 -29.12
C ILE B 454 5.93 -18.79 -30.03
N ARG B 455 5.87 -18.56 -31.34
CA ARG B 455 5.73 -19.66 -32.29
C ARG B 455 6.91 -20.61 -32.21
N LYS B 456 8.13 -20.06 -32.16
CA LYS B 456 9.33 -20.89 -32.01
C LYS B 456 9.25 -21.75 -30.75
N SER B 457 8.76 -21.17 -29.64
CA SER B 457 8.65 -21.93 -28.40
C SER B 457 7.53 -22.96 -28.48
N LEU B 458 6.45 -22.66 -29.20
CA LEU B 458 5.38 -23.63 -29.38
C LEU B 458 5.85 -24.83 -30.18
N ASP B 459 6.60 -24.60 -31.26
CA ASP B 459 7.18 -25.70 -32.02
C ASP B 459 8.03 -26.60 -31.13
N GLU B 460 8.90 -26.00 -30.33
CA GLU B 460 9.74 -26.79 -29.41
C GLU B 460 8.90 -27.47 -28.34
N ALA B 461 7.82 -26.83 -27.88
CA ALA B 461 7.00 -27.41 -26.83
C ALA B 461 6.14 -28.57 -27.33
N GLU B 462 5.87 -28.65 -28.63
CA GLU B 462 4.97 -29.68 -29.13
C GLU B 462 5.43 -31.09 -28.81
N PRO B 463 6.70 -31.49 -29.05
CA PRO B 463 7.07 -32.88 -28.75
C PRO B 463 7.02 -33.21 -27.27
N VAL B 464 7.43 -32.29 -26.39
CA VAL B 464 7.41 -32.58 -24.96
C VAL B 464 5.97 -32.63 -24.45
N LEU B 465 5.10 -31.76 -24.97
CA LEU B 465 3.71 -31.77 -24.53
C LEU B 465 2.99 -33.04 -24.98
N ARG B 466 3.29 -33.52 -26.19
CA ARG B 466 2.68 -34.77 -26.64
C ARG B 466 3.14 -35.97 -25.81
N ALA B 467 4.32 -35.87 -25.18
CA ALA B 467 4.88 -36.95 -24.40
C ALA B 467 4.40 -36.96 -22.95
N LEU B 468 3.59 -35.98 -22.55
CA LEU B 468 3.10 -35.93 -21.16
C LEU B 468 2.30 -37.19 -20.82
N LYS B 469 2.75 -37.89 -19.79
CA LYS B 469 2.11 -39.12 -19.31
C LYS B 469 2.04 -40.18 -20.41
N1 PLP C . 1.49 1.50 12.10
C2 PLP C . 2.02 2.56 12.80
C2A PLP C . 2.53 2.34 14.19
C3 PLP C . 2.08 3.83 12.22
O3 PLP C . 2.61 4.88 12.93
C4 PLP C . 1.61 4.03 10.94
C4A PLP C . 1.90 5.34 10.25
C5 PLP C . 1.07 2.97 10.23
C6 PLP C . 1.01 1.71 10.81
C5A PLP C . 0.53 3.15 8.82
O4P PLP C . 1.57 3.43 7.91
P PLP C . 1.19 3.96 6.44
O1P PLP C . 2.44 4.06 5.59
O2P PLP C . 0.56 5.33 6.59
O3P PLP C . 0.21 3.02 5.80
C1 EDO D . -1.61 9.33 12.49
O1 EDO D . -3.01 9.52 12.28
C2 EDO D . -1.10 8.28 11.52
O2 EDO D . 0.26 7.94 11.83
N1 PLP E . -6.19 -4.73 -9.47
C2 PLP E . -5.72 -5.10 -10.71
C2A PLP E . -6.67 -5.24 -11.85
C3 PLP E . -4.36 -5.33 -10.90
O3 PLP E . -3.90 -5.70 -12.14
C4 PLP E . -3.47 -5.19 -9.84
C4A PLP E . -2.01 -5.10 -10.13
C5 PLP E . -3.95 -4.82 -8.58
C6 PLP E . -5.31 -4.59 -8.41
C5A PLP E . -3.01 -4.67 -7.41
O4P PLP E . -2.08 -3.63 -7.61
P PLP E . -0.75 -3.56 -6.70
O1P PLP E . -0.04 -2.25 -6.95
O2P PLP E . 0.15 -4.71 -7.09
O3P PLP E . -1.12 -3.68 -5.25
C1 PEG F . -0.72 -9.06 -11.37
O1 PEG F . -0.65 -7.77 -10.83
C2 PEG F . -0.68 -10.05 -10.20
O2 PEG F . -0.65 -11.35 -10.71
C3 PEG F . -0.35 -12.30 -9.73
C4 PEG F . -1.00 -13.62 -10.12
O4 PEG F . -2.27 -13.69 -9.54
#